data_1J2L
# 
_entry.id   1J2L 
# 
_audit_conform.dict_name       mmcif_pdbx.dic 
_audit_conform.dict_version    5.397 
_audit_conform.dict_location   http://mmcif.pdb.org/dictionaries/ascii/mmcif_pdbx.dic 
# 
loop_
_database_2.database_id 
_database_2.database_code 
_database_2.pdbx_database_accession 
_database_2.pdbx_DOI 
PDB   1J2L         pdb_00001j2l 10.2210/pdb1j2l/pdb 
RCSB  RCSB005551   ?            ?                   
WWPDB D_1000005551 ?            ?                   
# 
loop_
_pdbx_audit_revision_history.ordinal 
_pdbx_audit_revision_history.data_content_type 
_pdbx_audit_revision_history.major_revision 
_pdbx_audit_revision_history.minor_revision 
_pdbx_audit_revision_history.revision_date 
1 'Structure model' 1 0 2003-10-07 
2 'Structure model' 1 1 2008-04-27 
3 'Structure model' 1 2 2011-07-13 
4 'Structure model' 1 3 2023-10-25 
5 'Structure model' 1 4 2024-10-23 
# 
_pdbx_audit_revision_details.ordinal             1 
_pdbx_audit_revision_details.revision_ordinal    1 
_pdbx_audit_revision_details.data_content_type   'Structure model' 
_pdbx_audit_revision_details.provider            repository 
_pdbx_audit_revision_details.type                'Initial release' 
_pdbx_audit_revision_details.description         ? 
_pdbx_audit_revision_details.details             ? 
# 
loop_
_pdbx_audit_revision_group.ordinal 
_pdbx_audit_revision_group.revision_ordinal 
_pdbx_audit_revision_group.data_content_type 
_pdbx_audit_revision_group.group 
1 2 'Structure model' 'Version format compliance' 
2 3 'Structure model' 'Version format compliance' 
3 4 'Structure model' 'Data collection'           
4 4 'Structure model' 'Database references'       
5 4 'Structure model' 'Derived calculations'      
6 4 'Structure model' 'Refinement description'    
7 5 'Structure model' 'Structure summary'         
# 
loop_
_pdbx_audit_revision_category.ordinal 
_pdbx_audit_revision_category.revision_ordinal 
_pdbx_audit_revision_category.data_content_type 
_pdbx_audit_revision_category.category 
1 4 'Structure model' chem_comp_atom                
2 4 'Structure model' chem_comp_bond                
3 4 'Structure model' database_2                    
4 4 'Structure model' pdbx_initial_refinement_model 
5 4 'Structure model' struct_site                   
6 5 'Structure model' pdbx_entry_details            
7 5 'Structure model' pdbx_modification_feature     
# 
loop_
_pdbx_audit_revision_item.ordinal 
_pdbx_audit_revision_item.revision_ordinal 
_pdbx_audit_revision_item.data_content_type 
_pdbx_audit_revision_item.item 
1 4 'Structure model' '_database_2.pdbx_DOI'                
2 4 'Structure model' '_database_2.pdbx_database_accession' 
3 4 'Structure model' '_struct_site.pdbx_auth_asym_id'      
4 4 'Structure model' '_struct_site.pdbx_auth_comp_id'      
5 4 'Structure model' '_struct_site.pdbx_auth_seq_id'       
# 
_pdbx_database_status.status_code                     REL 
_pdbx_database_status.entry_id                        1J2L 
_pdbx_database_status.recvd_initial_deposition_date   2003-01-06 
_pdbx_database_status.deposit_site                    PDBJ 
_pdbx_database_status.process_site                    PDBJ 
_pdbx_database_status.status_code_sf                  REL 
_pdbx_database_status.SG_entry                        . 
_pdbx_database_status.pdb_format_compatible           Y 
_pdbx_database_status.status_code_mr                  ? 
_pdbx_database_status.status_code_cs                  ? 
_pdbx_database_status.status_code_nmr_data            ? 
_pdbx_database_status.methods_development_category    ? 
# 
loop_
_audit_author.name 
_audit_author.pdbx_ordinal 
'Fujii, Y.'    1 
'Okuda, D.'    2 
'Fujimoto, Z.' 3 
'Morita, T.'   4 
'Mizuno, H.'   5 
# 
loop_
_citation.id 
_citation.title 
_citation.journal_abbrev 
_citation.journal_volume 
_citation.page_first 
_citation.page_last 
_citation.year 
_citation.journal_id_ASTM 
_citation.country 
_citation.journal_id_ISSN 
_citation.journal_id_CSD 
_citation.book_publisher 
_citation.pdbx_database_id_PubMed 
_citation.pdbx_database_id_DOI 
primary 'Crystal Structure of Trimestatin, a Disintegrin Containing a Cell Adhesion Recognition Motif RGD' J.Mol.Biol. 332 1115 
1122 2003 JMOBAK UK 0022-2836 0070 ? 14499613 '10.1016/S0022-2836(03)00991-4' 
1       
'Crystallization and preliminary crystallographic studies of dimeric disintegrins from the venom of two Agkistrodon snakes.' 
'Acta Crystallogr.,Sect.D' 58  145  147  2002 ABCRE6 DK 0907-4449 0766 ? ?        10.1107/S090744490101736X       
2       
;Purification and characterization of a new RGD/KGD-containing dimeric disintegrin, piscivostatin, from the venom of Agkistrodon piscivorus piscivorus: the unique effect of piscivostatin on platelet aggregation.
;
'J.Biochem.(Tokyo)'        130 407  415  2001 JOBIAO JA 0021-924X 0418 ? ?        ?                               
# 
loop_
_citation_author.citation_id 
_citation_author.name 
_citation_author.ordinal 
_citation_author.identifier_ORCID 
primary 'Fujii, Y.'    1  ? 
primary 'Okuda, D.'    2  ? 
primary 'Fujimoto, Z.' 3  ? 
primary 'Horii, T.'    4  ? 
primary 'Morita, T.'   5  ? 
primary 'Mizuno, H.'   6  ? 
1       'Fujii, Y.'    7  ? 
1       'Okuda, D.'    8  ? 
1       'Fujimoto, Z.' 9  ? 
1       'Morita, T.'   10 ? 
1       'Mizuno, H.'   11 ? 
2       'Okuda, D.'    12 ? 
2       'Morita, T.'   13 ? 
# 
loop_
_entity.id 
_entity.type 
_entity.src_method 
_entity.pdbx_description 
_entity.formula_weight 
_entity.pdbx_number_of_molecules 
_entity.pdbx_ec 
_entity.pdbx_mutation 
_entity.pdbx_fragment 
_entity.details 
1 polymer     nat 'Disintegrin triflavin' 7586.620 1   ? ? ? ? 
2 non-polymer syn 'SULFATE ION'           96.063   1   ? ? ? ? 
3 water       nat water                   18.015   153 ? ? ? ? 
# 
_entity_name_com.entity_id   1 
_entity_name_com.name        'trimestatin, RGD-containing peptide' 
# 
_entity_poly.entity_id                      1 
_entity_poly.type                           'polypeptide(L)' 
_entity_poly.nstd_linkage                   no 
_entity_poly.nstd_monomer                   no 
_entity_poly.pdbx_seq_one_letter_code       GEECDCGSPSNPCCDAATCKLRPGAQCADGLCCDQCRFKKKRTICRIARGDFPDDRCTGQSADCPRWNGL 
_entity_poly.pdbx_seq_one_letter_code_can   GEECDCGSPSNPCCDAATCKLRPGAQCADGLCCDQCRFKKKRTICRIARGDFPDDRCTGQSADCPRWNGL 
_entity_poly.pdbx_strand_id                 A 
_entity_poly.pdbx_target_identifier         ? 
# 
loop_
_pdbx_entity_nonpoly.entity_id 
_pdbx_entity_nonpoly.name 
_pdbx_entity_nonpoly.comp_id 
2 'SULFATE ION' SO4 
3 water         HOH 
# 
loop_
_entity_poly_seq.entity_id 
_entity_poly_seq.num 
_entity_poly_seq.mon_id 
_entity_poly_seq.hetero 
1 1  GLY n 
1 2  GLU n 
1 3  GLU n 
1 4  CYS n 
1 5  ASP n 
1 6  CYS n 
1 7  GLY n 
1 8  SER n 
1 9  PRO n 
1 10 SER n 
1 11 ASN n 
1 12 PRO n 
1 13 CYS n 
1 14 CYS n 
1 15 ASP n 
1 16 ALA n 
1 17 ALA n 
1 18 THR n 
1 19 CYS n 
1 20 LYS n 
1 21 LEU n 
1 22 ARG n 
1 23 PRO n 
1 24 GLY n 
1 25 ALA n 
1 26 GLN n 
1 27 CYS n 
1 28 ALA n 
1 29 ASP n 
1 30 GLY n 
1 31 LEU n 
1 32 CYS n 
1 33 CYS n 
1 34 ASP n 
1 35 GLN n 
1 36 CYS n 
1 37 ARG n 
1 38 PHE n 
1 39 LYS n 
1 40 LYS n 
1 41 LYS n 
1 42 ARG n 
1 43 THR n 
1 44 ILE n 
1 45 CYS n 
1 46 ARG n 
1 47 ILE n 
1 48 ALA n 
1 49 ARG n 
1 50 GLY n 
1 51 ASP n 
1 52 PHE n 
1 53 PRO n 
1 54 ASP n 
1 55 ASP n 
1 56 ARG n 
1 57 CYS n 
1 58 THR n 
1 59 GLY n 
1 60 GLN n 
1 61 SER n 
1 62 ALA n 
1 63 ASP n 
1 64 CYS n 
1 65 PRO n 
1 66 ARG n 
1 67 TRP n 
1 68 ASN n 
1 69 GLY n 
1 70 LEU n 
# 
_entity_src_nat.entity_id                  1 
_entity_src_nat.pdbx_src_id                1 
_entity_src_nat.pdbx_alt_source_flag       sample 
_entity_src_nat.pdbx_beg_seq_num           ? 
_entity_src_nat.pdbx_end_seq_num           ? 
_entity_src_nat.common_name                ? 
_entity_src_nat.pdbx_organism_scientific   'Trimeresurus flavoviridis' 
_entity_src_nat.pdbx_ncbi_taxonomy_id      88087 
_entity_src_nat.genus                      Trimeresurus 
_entity_src_nat.species                    ? 
_entity_src_nat.strain                     ? 
_entity_src_nat.tissue                     ? 
_entity_src_nat.tissue_fraction            ? 
_entity_src_nat.pdbx_secretion             venom 
_entity_src_nat.pdbx_fragment              ? 
_entity_src_nat.pdbx_variant               ? 
_entity_src_nat.pdbx_cell_line             ? 
_entity_src_nat.pdbx_atcc                  ? 
_entity_src_nat.pdbx_cellular_location     ? 
_entity_src_nat.pdbx_organ                 ? 
_entity_src_nat.pdbx_organelle             ? 
_entity_src_nat.pdbx_cell                  ? 
_entity_src_nat.pdbx_plasmid_name          ? 
_entity_src_nat.pdbx_plasmid_details       ? 
_entity_src_nat.details                    ? 
# 
loop_
_chem_comp.id 
_chem_comp.type 
_chem_comp.mon_nstd_flag 
_chem_comp.name 
_chem_comp.pdbx_synonyms 
_chem_comp.formula 
_chem_comp.formula_weight 
ALA 'L-peptide linking' y ALANINE         ? 'C3 H7 N O2'     89.093  
ARG 'L-peptide linking' y ARGININE        ? 'C6 H15 N4 O2 1' 175.209 
ASN 'L-peptide linking' y ASPARAGINE      ? 'C4 H8 N2 O3'    132.118 
ASP 'L-peptide linking' y 'ASPARTIC ACID' ? 'C4 H7 N O4'     133.103 
CYS 'L-peptide linking' y CYSTEINE        ? 'C3 H7 N O2 S'   121.158 
GLN 'L-peptide linking' y GLUTAMINE       ? 'C5 H10 N2 O3'   146.144 
GLU 'L-peptide linking' y 'GLUTAMIC ACID' ? 'C5 H9 N O4'     147.129 
GLY 'peptide linking'   y GLYCINE         ? 'C2 H5 N O2'     75.067  
HOH non-polymer         . WATER           ? 'H2 O'           18.015  
ILE 'L-peptide linking' y ISOLEUCINE      ? 'C6 H13 N O2'    131.173 
LEU 'L-peptide linking' y LEUCINE         ? 'C6 H13 N O2'    131.173 
LYS 'L-peptide linking' y LYSINE          ? 'C6 H15 N2 O2 1' 147.195 
PHE 'L-peptide linking' y PHENYLALANINE   ? 'C9 H11 N O2'    165.189 
PRO 'L-peptide linking' y PROLINE         ? 'C5 H9 N O2'     115.130 
SER 'L-peptide linking' y SERINE          ? 'C3 H7 N O3'     105.093 
SO4 non-polymer         . 'SULFATE ION'   ? 'O4 S -2'        96.063  
THR 'L-peptide linking' y THREONINE       ? 'C4 H9 N O3'     119.119 
TRP 'L-peptide linking' y TRYPTOPHAN      ? 'C11 H12 N2 O2'  204.225 
# 
loop_
_pdbx_poly_seq_scheme.asym_id 
_pdbx_poly_seq_scheme.entity_id 
_pdbx_poly_seq_scheme.seq_id 
_pdbx_poly_seq_scheme.mon_id 
_pdbx_poly_seq_scheme.ndb_seq_num 
_pdbx_poly_seq_scheme.pdb_seq_num 
_pdbx_poly_seq_scheme.auth_seq_num 
_pdbx_poly_seq_scheme.pdb_mon_id 
_pdbx_poly_seq_scheme.auth_mon_id 
_pdbx_poly_seq_scheme.pdb_strand_id 
_pdbx_poly_seq_scheme.pdb_ins_code 
_pdbx_poly_seq_scheme.hetero 
A 1 1  GLY 1  1  1  GLY GLY A . n 
A 1 2  GLU 2  2  2  GLU GLU A . n 
A 1 3  GLU 3  3  3  GLU GLU A . n 
A 1 4  CYS 4  4  4  CYS CYS A . n 
A 1 5  ASP 5  5  5  ASP ASP A . n 
A 1 6  CYS 6  6  6  CYS CYS A . n 
A 1 7  GLY 7  7  7  GLY GLY A . n 
A 1 8  SER 8  8  8  SER SER A . n 
A 1 9  PRO 9  9  9  PRO PRO A . n 
A 1 10 SER 10 10 10 SER SER A . n 
A 1 11 ASN 11 11 11 ASN ASN A . n 
A 1 12 PRO 12 12 12 PRO PRO A . n 
A 1 13 CYS 13 13 13 CYS CYS A . n 
A 1 14 CYS 14 14 14 CYS CYS A . n 
A 1 15 ASP 15 15 15 ASP ASP A . n 
A 1 16 ALA 16 16 16 ALA ALA A . n 
A 1 17 ALA 17 17 17 ALA ALA A . n 
A 1 18 THR 18 18 18 THR THR A . n 
A 1 19 CYS 19 19 19 CYS CYS A . n 
A 1 20 LYS 20 20 20 LYS LYS A . n 
A 1 21 LEU 21 21 21 LEU LEU A . n 
A 1 22 ARG 22 22 22 ARG ARG A . n 
A 1 23 PRO 23 23 23 PRO PRO A . n 
A 1 24 GLY 24 24 24 GLY GLY A . n 
A 1 25 ALA 25 25 25 ALA ALA A . n 
A 1 26 GLN 26 26 26 GLN GLN A . n 
A 1 27 CYS 27 27 27 CYS CYS A . n 
A 1 28 ALA 28 28 28 ALA ALA A . n 
A 1 29 ASP 29 29 29 ASP ASP A . n 
A 1 30 GLY 30 30 30 GLY GLY A . n 
A 1 31 LEU 31 31 31 LEU LEU A . n 
A 1 32 CYS 32 32 32 CYS CYS A . n 
A 1 33 CYS 33 33 33 CYS CYS A . n 
A 1 34 ASP 34 34 34 ASP ASP A . n 
A 1 35 GLN 35 35 35 GLN GLN A . n 
A 1 36 CYS 36 36 36 CYS CYS A . n 
A 1 37 ARG 37 37 37 ARG ARG A . n 
A 1 38 PHE 38 38 38 PHE PHE A . n 
A 1 39 LYS 39 39 39 LYS LYS A . n 
A 1 40 LYS 40 40 40 LYS LYS A . n 
A 1 41 LYS 41 41 41 LYS LYS A . n 
A 1 42 ARG 42 42 42 ARG ARG A . n 
A 1 43 THR 43 43 43 THR THR A . n 
A 1 44 ILE 44 44 44 ILE ILE A . n 
A 1 45 CYS 45 45 45 CYS CYS A . n 
A 1 46 ARG 46 46 46 ARG ARG A . n 
A 1 47 ILE 47 47 47 ILE ILE A . n 
A 1 48 ALA 48 48 48 ALA ALA A . n 
A 1 49 ARG 49 49 49 ARG ARG A . n 
A 1 50 GLY 50 50 50 GLY GLY A . n 
A 1 51 ASP 51 51 51 ASP ASP A . n 
A 1 52 PHE 52 52 52 PHE PHE A . n 
A 1 53 PRO 53 53 53 PRO PRO A . n 
A 1 54 ASP 54 54 54 ASP ASP A . n 
A 1 55 ASP 55 55 55 ASP ASP A . n 
A 1 56 ARG 56 56 56 ARG ARG A . n 
A 1 57 CYS 57 57 57 CYS CYS A . n 
A 1 58 THR 58 58 58 THR THR A . n 
A 1 59 GLY 59 59 59 GLY GLY A . n 
A 1 60 GLN 60 60 60 GLN GLN A . n 
A 1 61 SER 61 61 61 SER SER A . n 
A 1 62 ALA 62 62 62 ALA ALA A . n 
A 1 63 ASP 63 63 63 ASP ASP A . n 
A 1 64 CYS 64 64 64 CYS CYS A . n 
A 1 65 PRO 65 65 65 PRO PRO A . n 
A 1 66 ARG 66 66 66 ARG ARG A . n 
A 1 67 TRP 67 67 67 TRP TRP A . n 
A 1 68 ASN 68 68 68 ASN ASN A . n 
A 1 69 GLY 69 69 ?  ?   ?   A . n 
A 1 70 LEU 70 70 ?  ?   ?   A . n 
# 
loop_
_pdbx_nonpoly_scheme.asym_id 
_pdbx_nonpoly_scheme.entity_id 
_pdbx_nonpoly_scheme.mon_id 
_pdbx_nonpoly_scheme.ndb_seq_num 
_pdbx_nonpoly_scheme.pdb_seq_num 
_pdbx_nonpoly_scheme.auth_seq_num 
_pdbx_nonpoly_scheme.pdb_mon_id 
_pdbx_nonpoly_scheme.auth_mon_id 
_pdbx_nonpoly_scheme.pdb_strand_id 
_pdbx_nonpoly_scheme.pdb_ins_code 
B 2 SO4 1   701 701 SO4 SO4 A . 
C 3 HOH 1   702 1   HOH HOH A . 
C 3 HOH 2   703 2   HOH HOH A . 
C 3 HOH 3   704 3   HOH HOH A . 
C 3 HOH 4   705 4   HOH HOH A . 
C 3 HOH 5   706 5   HOH HOH A . 
C 3 HOH 6   707 6   HOH HOH A . 
C 3 HOH 7   708 7   HOH HOH A . 
C 3 HOH 8   709 8   HOH HOH A . 
C 3 HOH 9   710 9   HOH HOH A . 
C 3 HOH 10  711 10  HOH HOH A . 
C 3 HOH 11  712 11  HOH HOH A . 
C 3 HOH 12  713 12  HOH HOH A . 
C 3 HOH 13  714 13  HOH HOH A . 
C 3 HOH 14  715 14  HOH HOH A . 
C 3 HOH 15  716 15  HOH HOH A . 
C 3 HOH 16  717 16  HOH HOH A . 
C 3 HOH 17  718 17  HOH HOH A . 
C 3 HOH 18  719 18  HOH HOH A . 
C 3 HOH 19  720 19  HOH HOH A . 
C 3 HOH 20  721 20  HOH HOH A . 
C 3 HOH 21  722 21  HOH HOH A . 
C 3 HOH 22  723 22  HOH HOH A . 
C 3 HOH 23  724 23  HOH HOH A . 
C 3 HOH 24  725 25  HOH HOH A . 
C 3 HOH 25  726 26  HOH HOH A . 
C 3 HOH 26  727 27  HOH HOH A . 
C 3 HOH 27  728 28  HOH HOH A . 
C 3 HOH 28  729 29  HOH HOH A . 
C 3 HOH 29  730 30  HOH HOH A . 
C 3 HOH 30  731 31  HOH HOH A . 
C 3 HOH 31  732 32  HOH HOH A . 
C 3 HOH 32  733 33  HOH HOH A . 
C 3 HOH 33  734 34  HOH HOH A . 
C 3 HOH 34  735 35  HOH HOH A . 
C 3 HOH 35  736 36  HOH HOH A . 
C 3 HOH 36  737 37  HOH HOH A . 
C 3 HOH 37  738 38  HOH HOH A . 
C 3 HOH 38  739 39  HOH HOH A . 
C 3 HOH 39  740 40  HOH HOH A . 
C 3 HOH 40  741 41  HOH HOH A . 
C 3 HOH 41  742 42  HOH HOH A . 
C 3 HOH 42  743 43  HOH HOH A . 
C 3 HOH 43  744 45  HOH HOH A . 
C 3 HOH 44  745 46  HOH HOH A . 
C 3 HOH 45  746 47  HOH HOH A . 
C 3 HOH 46  747 48  HOH HOH A . 
C 3 HOH 47  748 49  HOH HOH A . 
C 3 HOH 48  749 51  HOH HOH A . 
C 3 HOH 49  750 52  HOH HOH A . 
C 3 HOH 50  751 53  HOH HOH A . 
C 3 HOH 51  752 54  HOH HOH A . 
C 3 HOH 52  753 55  HOH HOH A . 
C 3 HOH 53  754 56  HOH HOH A . 
C 3 HOH 54  755 57  HOH HOH A . 
C 3 HOH 55  756 58  HOH HOH A . 
C 3 HOH 56  757 59  HOH HOH A . 
C 3 HOH 57  758 60  HOH HOH A . 
C 3 HOH 58  759 61  HOH HOH A . 
C 3 HOH 59  760 62  HOH HOH A . 
C 3 HOH 60  761 63  HOH HOH A . 
C 3 HOH 61  762 64  HOH HOH A . 
C 3 HOH 62  763 65  HOH HOH A . 
C 3 HOH 63  764 66  HOH HOH A . 
C 3 HOH 64  765 67  HOH HOH A . 
C 3 HOH 65  766 68  HOH HOH A . 
C 3 HOH 66  767 69  HOH HOH A . 
C 3 HOH 67  768 71  HOH HOH A . 
C 3 HOH 68  769 72  HOH HOH A . 
C 3 HOH 69  770 73  HOH HOH A . 
C 3 HOH 70  771 74  HOH HOH A . 
C 3 HOH 71  772 75  HOH HOH A . 
C 3 HOH 72  773 76  HOH HOH A . 
C 3 HOH 73  774 77  HOH HOH A . 
C 3 HOH 74  775 78  HOH HOH A . 
C 3 HOH 75  776 79  HOH HOH A . 
C 3 HOH 76  777 80  HOH HOH A . 
C 3 HOH 77  778 81  HOH HOH A . 
C 3 HOH 78  779 82  HOH HOH A . 
C 3 HOH 79  780 83  HOH HOH A . 
C 3 HOH 80  781 85  HOH HOH A . 
C 3 HOH 81  782 86  HOH HOH A . 
C 3 HOH 82  783 87  HOH HOH A . 
C 3 HOH 83  784 88  HOH HOH A . 
C 3 HOH 84  785 89  HOH HOH A . 
C 3 HOH 85  786 90  HOH HOH A . 
C 3 HOH 86  787 91  HOH HOH A . 
C 3 HOH 87  788 92  HOH HOH A . 
C 3 HOH 88  789 93  HOH HOH A . 
C 3 HOH 89  790 94  HOH HOH A . 
C 3 HOH 90  791 96  HOH HOH A . 
C 3 HOH 91  792 97  HOH HOH A . 
C 3 HOH 92  793 98  HOH HOH A . 
C 3 HOH 93  794 99  HOH HOH A . 
C 3 HOH 94  795 100 HOH HOH A . 
C 3 HOH 95  796 101 HOH HOH A . 
C 3 HOH 96  797 102 HOH HOH A . 
C 3 HOH 97  798 103 HOH HOH A . 
C 3 HOH 98  799 104 HOH HOH A . 
C 3 HOH 99  800 105 HOH HOH A . 
C 3 HOH 100 801 106 HOH HOH A . 
C 3 HOH 101 802 107 HOH HOH A . 
C 3 HOH 102 803 108 HOH HOH A . 
C 3 HOH 103 804 129 HOH HOH A . 
C 3 HOH 104 805 120 HOH HOH A . 
C 3 HOH 105 806 121 HOH HOH A . 
C 3 HOH 106 807 122 HOH HOH A . 
C 3 HOH 107 808 123 HOH HOH A . 
C 3 HOH 108 809 124 HOH HOH A . 
C 3 HOH 109 810 125 HOH HOH A . 
C 3 HOH 110 811 126 HOH HOH A . 
C 3 HOH 111 812 127 HOH HOH A . 
C 3 HOH 112 813 128 HOH HOH A . 
C 3 HOH 113 814 130 HOH HOH A . 
C 3 HOH 114 815 131 HOH HOH A . 
C 3 HOH 115 816 132 HOH HOH A . 
C 3 HOH 116 817 133 HOH HOH A . 
C 3 HOH 117 818 134 HOH HOH A . 
C 3 HOH 118 819 135 HOH HOH A . 
C 3 HOH 119 820 136 HOH HOH A . 
C 3 HOH 120 821 137 HOH HOH A . 
C 3 HOH 121 822 138 HOH HOH A . 
C 3 HOH 122 823 139 HOH HOH A . 
C 3 HOH 123 824 141 HOH HOH A . 
C 3 HOH 124 825 143 HOH HOH A . 
C 3 HOH 125 826 144 HOH HOH A . 
C 3 HOH 126 827 145 HOH HOH A . 
C 3 HOH 127 828 146 HOH HOH A . 
C 3 HOH 128 829 147 HOH HOH A . 
C 3 HOH 129 830 148 HOH HOH A . 
C 3 HOH 130 831 149 HOH HOH A . 
C 3 HOH 131 832 150 HOH HOH A . 
C 3 HOH 132 833 151 HOH HOH A . 
C 3 HOH 133 834 152 HOH HOH A . 
C 3 HOH 134 835 153 HOH HOH A . 
C 3 HOH 135 836 154 HOH HOH A . 
C 3 HOH 136 837 155 HOH HOH A . 
C 3 HOH 137 838 156 HOH HOH A . 
C 3 HOH 138 839 157 HOH HOH A . 
C 3 HOH 139 840 158 HOH HOH A . 
C 3 HOH 140 841 159 HOH HOH A . 
C 3 HOH 141 842 160 HOH HOH A . 
C 3 HOH 142 843 161 HOH HOH A . 
C 3 HOH 143 844 162 HOH HOH A . 
C 3 HOH 144 845 163 HOH HOH A . 
C 3 HOH 145 846 164 HOH HOH A . 
C 3 HOH 146 847 165 HOH HOH A . 
C 3 HOH 147 848 166 HOH HOH A . 
C 3 HOH 148 849 167 HOH HOH A . 
C 3 HOH 149 850 168 HOH HOH A . 
C 3 HOH 150 851 169 HOH HOH A . 
C 3 HOH 151 852 170 HOH HOH A . 
C 3 HOH 152 853 171 HOH HOH A . 
C 3 HOH 153 854 172 HOH HOH A . 
# 
loop_
_software.name 
_software.classification 
_software.version 
_software.citation_id 
_software.pdbx_ordinal 
CNS    refinement       1.0       ? 1 
MOSFLM 'data reduction' .         ? 2 
CCP4   'data scaling'   '(SCALA)' ? 3 
AMoRE  phasing          .         ? 4 
# 
_cell.entry_id           1J2L 
_cell.length_a           47.546 
_cell.length_b           48.119 
_cell.length_c           37.667 
_cell.angle_alpha        90.00 
_cell.angle_beta         126.80 
_cell.angle_gamma        90.00 
_cell.Z_PDB              4 
_cell.pdbx_unique_axis   ? 
# 
_symmetry.entry_id                         1J2L 
_symmetry.space_group_name_H-M             'C 1 2 1' 
_symmetry.pdbx_full_space_group_name_H-M   ? 
_symmetry.cell_setting                     ? 
_symmetry.Int_Tables_number                5 
# 
_exptl.entry_id          1J2L 
_exptl.method            'X-RAY DIFFRACTION' 
_exptl.crystals_number   ? 
# 
_exptl_crystal.id                    1 
_exptl_crystal.density_meas          ? 
_exptl_crystal.density_Matthews      1.86 
_exptl_crystal.density_percent_sol   33.20 
_exptl_crystal.description           ? 
# 
_exptl_crystal_grow.crystal_id      1 
_exptl_crystal_grow.method          'VAPOR DIFFUSION' 
_exptl_crystal_grow.temp            293 
_exptl_crystal_grow.temp_details    ? 
_exptl_crystal_grow.pH              7.0 
_exptl_crystal_grow.pdbx_details    'PEG 8000, ammonium sulfate, pH 7.0, VAPOR DIFFUSION, temperature 293K' 
_exptl_crystal_grow.pdbx_pH_range   ? 
# 
_diffrn.id                     1 
_diffrn.ambient_temp           100 
_diffrn.ambient_temp_details   ? 
_diffrn.crystal_id             1 
# 
_diffrn_detector.diffrn_id              1 
_diffrn_detector.detector               CCD 
_diffrn_detector.type                   'ADSC QUANTUM 4' 
_diffrn_detector.pdbx_collection_date   2001-05-11 
_diffrn_detector.details                ? 
# 
_diffrn_radiation.diffrn_id                        1 
_diffrn_radiation.wavelength_id                    1 
_diffrn_radiation.pdbx_monochromatic_or_laue_m_l   M 
_diffrn_radiation.monochromator                    ? 
_diffrn_radiation.pdbx_diffrn_protocol             'SINGLE WAVELENGTH' 
_diffrn_radiation.pdbx_scattering_type             x-ray 
# 
_diffrn_radiation_wavelength.id           1 
_diffrn_radiation_wavelength.wavelength   1.00 
_diffrn_radiation_wavelength.wt           1.0 
# 
_diffrn_source.diffrn_id                   1 
_diffrn_source.source                      SYNCHROTRON 
_diffrn_source.type                        'PHOTON FACTORY BEAMLINE BL-6A' 
_diffrn_source.pdbx_synchrotron_site       'Photon Factory' 
_diffrn_source.pdbx_synchrotron_beamline   BL-6A 
_diffrn_source.pdbx_wavelength             ? 
_diffrn_source.pdbx_wavelength_list        1.00 
# 
_reflns.entry_id                     1J2L 
_reflns.observed_criterion_sigma_I   0.0 
_reflns.observed_criterion_sigma_F   2.0 
_reflns.d_resolution_low             30 
_reflns.d_resolution_high            1.7 
_reflns.number_obs                   52379 
_reflns.number_all                   7539 
_reflns.percent_possible_obs         99.9 
_reflns.pdbx_Rmerge_I_obs            0.061 
_reflns.pdbx_Rsym_value              0.056 
_reflns.pdbx_netI_over_sigmaI        8.4 
_reflns.B_iso_Wilson_estimate        17.6 
_reflns.pdbx_redundancy              6.9 
_reflns.R_free_details               ? 
_reflns.limit_h_max                  ? 
_reflns.limit_h_min                  ? 
_reflns.limit_k_max                  ? 
_reflns.limit_k_min                  ? 
_reflns.limit_l_max                  ? 
_reflns.limit_l_min                  ? 
_reflns.observed_criterion_F_max     ? 
_reflns.observed_criterion_F_min     ? 
_reflns.pdbx_diffrn_id               1 
_reflns.pdbx_ordinal                 1 
# 
_reflns_shell.d_res_high             1.70 
_reflns_shell.d_res_low              1.79 
_reflns_shell.percent_possible_all   99.9 
_reflns_shell.Rmerge_I_obs           0.261 
_reflns_shell.pdbx_Rsym_value        0.242 
_reflns_shell.meanI_over_sigI_obs    2.9 
_reflns_shell.pdbx_redundancy        6.9 
_reflns_shell.percent_possible_obs   ? 
_reflns_shell.number_unique_all      1092 
_reflns_shell.pdbx_diffrn_id         ? 
_reflns_shell.pdbx_ordinal           1 
# 
_refine.entry_id                                 1J2L 
_refine.ls_number_reflns_obs                     52379 
_refine.ls_number_reflns_all                     7538 
_refine.pdbx_ls_sigma_I                          ? 
_refine.pdbx_ls_sigma_F                          0 
_refine.pdbx_data_cutoff_high_absF               1415224.78 
_refine.pdbx_data_cutoff_low_absF                0.000000 
_refine.ls_d_res_low                             18.31 
_refine.ls_d_res_high                            1.70 
_refine.ls_percent_reflns_obs                    99.7 
_refine.ls_R_factor_obs                          0.187 
_refine.ls_R_factor_all                          ? 
_refine.ls_R_factor_R_work                       0.187 
_refine.ls_R_factor_R_free                       0.238 
_refine.ls_R_factor_R_free_error                 0.012 
_refine.ls_R_factor_R_free_error_details         ? 
_refine.ls_percent_reflns_R_free                 5.1 
_refine.ls_number_reflns_R_free                  387 
_refine.ls_number_parameters                     ? 
_refine.ls_number_restraints                     ? 
_refine.occupancy_min                            ? 
_refine.occupancy_max                            ? 
_refine.correlation_coeff_Fo_to_Fc               ? 
_refine.correlation_coeff_Fo_to_Fc_free          ? 
_refine.B_iso_mean                               23.9 
_refine.aniso_B[1][1]                            -0.09 
_refine.aniso_B[2][2]                            -0.09 
_refine.aniso_B[3][3]                            0.18 
_refine.aniso_B[1][2]                            0.00 
_refine.aniso_B[1][3]                            1.00 
_refine.aniso_B[2][3]                            0.00 
_refine.solvent_model_details                    'FLAT MODEL' 
_refine.solvent_model_param_ksol                 0.33892 
_refine.solvent_model_param_bsol                 40.1676 
_refine.pdbx_solvent_vdw_probe_radii             ? 
_refine.pdbx_solvent_ion_probe_radii             ? 
_refine.pdbx_solvent_shrinkage_radii             ? 
_refine.pdbx_ls_cross_valid_method               THROUGHOUT 
_refine.details                                  ? 
_refine.pdbx_starting_model                      'PDB ENTRY 1FVL' 
_refine.pdbx_method_to_determine_struct          'MOLECULAR REPLACEMENT' 
_refine.pdbx_isotropic_thermal_model             RESTRAINED 
_refine.pdbx_stereochemistry_target_values       'Engh & Huber' 
_refine.pdbx_stereochem_target_val_spec_case     ? 
_refine.pdbx_R_Free_selection_details            RANDOM 
_refine.pdbx_overall_ESU_R_Free                  ? 
_refine.overall_SU_B                             ? 
_refine.ls_redundancy_reflns_obs                 ? 
_refine.B_iso_min                                ? 
_refine.B_iso_max                                ? 
_refine.overall_SU_R_Cruickshank_DPI             ? 
_refine.overall_SU_R_free                        ? 
_refine.overall_SU_ML                            ? 
_refine.pdbx_overall_ESU_R                       ? 
_refine.pdbx_data_cutoff_high_rms_absF           ? 
_refine.pdbx_refine_id                           'X-RAY DIFFRACTION' 
_refine.pdbx_diffrn_id                           1 
_refine.pdbx_TLS_residual_ADP_flag               ? 
_refine.pdbx_overall_phase_error                 ? 
_refine.pdbx_overall_SU_R_free_Cruickshank_DPI   ? 
_refine.pdbx_overall_SU_R_Blow_DPI               ? 
_refine.pdbx_overall_SU_R_free_Blow_DPI          ? 
# 
_refine_analyze.entry_id                        1J2L 
_refine_analyze.Luzzati_coordinate_error_obs    0.18 
_refine_analyze.Luzzati_sigma_a_obs             0.07 
_refine_analyze.Luzzati_d_res_low_obs           5.00 
_refine_analyze.Luzzati_coordinate_error_free   0.23 
_refine_analyze.Luzzati_sigma_a_free            0.04 
_refine_analyze.Luzzati_d_res_low_free          ? 
_refine_analyze.number_disordered_residues      ? 
_refine_analyze.occupancy_sum_hydrogen          ? 
_refine_analyze.occupancy_sum_non_hydrogen      ? 
_refine_analyze.pdbx_Luzzati_d_res_high_obs     ? 
_refine_analyze.pdbx_refine_id                  'X-RAY DIFFRACTION' 
# 
_refine_hist.pdbx_refine_id                   'X-RAY DIFFRACTION' 
_refine_hist.cycle_id                         LAST 
_refine_hist.pdbx_number_atoms_protein        506 
_refine_hist.pdbx_number_atoms_nucleic_acid   0 
_refine_hist.pdbx_number_atoms_ligand         5 
_refine_hist.number_atoms_solvent             153 
_refine_hist.number_atoms_total               664 
_refine_hist.d_res_high                       1.70 
_refine_hist.d_res_low                        18.31 
# 
loop_
_refine_ls_restr.type 
_refine_ls_restr.dev_ideal 
_refine_ls_restr.dev_ideal_target 
_refine_ls_restr.weight 
_refine_ls_restr.number 
_refine_ls_restr.pdbx_refine_id 
_refine_ls_restr.pdbx_restraint_function 
c_bond_d                0.004 ?    ? ? 'X-RAY DIFFRACTION' ? 
c_bond_d_na             ?     ?    ? ? 'X-RAY DIFFRACTION' ? 
c_bond_d_prot           ?     ?    ? ? 'X-RAY DIFFRACTION' ? 
c_angle_d               ?     ?    ? ? 'X-RAY DIFFRACTION' ? 
c_angle_d_na            ?     ?    ? ? 'X-RAY DIFFRACTION' ? 
c_angle_d_prot          ?     ?    ? ? 'X-RAY DIFFRACTION' ? 
c_angle_deg             1.2   ?    ? ? 'X-RAY DIFFRACTION' ? 
c_angle_deg_na          ?     ?    ? ? 'X-RAY DIFFRACTION' ? 
c_angle_deg_prot        ?     ?    ? ? 'X-RAY DIFFRACTION' ? 
c_dihedral_angle_d      24.2  ?    ? ? 'X-RAY DIFFRACTION' ? 
c_dihedral_angle_d_na   ?     ?    ? ? 'X-RAY DIFFRACTION' ? 
c_dihedral_angle_d_prot ?     ?    ? ? 'X-RAY DIFFRACTION' ? 
c_improper_angle_d      0.82  ?    ? ? 'X-RAY DIFFRACTION' ? 
c_improper_angle_d_na   ?     ?    ? ? 'X-RAY DIFFRACTION' ? 
c_improper_angle_d_prot ?     ?    ? ? 'X-RAY DIFFRACTION' ? 
c_mcbond_it             1.31  1.50 ? ? 'X-RAY DIFFRACTION' ? 
c_mcangle_it            2.12  2.00 ? ? 'X-RAY DIFFRACTION' ? 
c_scbond_it             2.17  2.00 ? ? 'X-RAY DIFFRACTION' ? 
c_scangle_it            3.29  2.50 ? ? 'X-RAY DIFFRACTION' ? 
# 
_refine_ls_shell.pdbx_total_number_of_bins_used   6 
_refine_ls_shell.d_res_high                       1.70 
_refine_ls_shell.d_res_low                        1.81 
_refine_ls_shell.number_reflns_R_work             1170 
_refine_ls_shell.R_factor_R_work                  0.224 
_refine_ls_shell.percent_reflns_obs               100.0 
_refine_ls_shell.R_factor_R_free                  0.233 
_refine_ls_shell.R_factor_R_free_error            0.029 
_refine_ls_shell.percent_reflns_R_free            5.3 
_refine_ls_shell.number_reflns_R_free             66 
_refine_ls_shell.number_reflns_obs                ? 
_refine_ls_shell.redundancy_reflns_obs            ? 
_refine_ls_shell.number_reflns_all                ? 
_refine_ls_shell.pdbx_refine_id                   'X-RAY DIFFRACTION' 
_refine_ls_shell.R_factor_all                     ? 
# 
loop_
_pdbx_xplor_file.serial_no 
_pdbx_xplor_file.param_file 
_pdbx_xplor_file.topol_file 
_pdbx_xplor_file.pdbx_refine_id 
1 PROTEIN_REP.PARAM PROTEIN.TOP 'X-RAY DIFFRACTION' 
2 WATER_REP.PARAM   WATER.TOP   'X-RAY DIFFRACTION' 
3 ION.PARAM         ION.TOP     'X-RAY DIFFRACTION' 
4 CIS_PEPTIDE.PARAM ?           'X-RAY DIFFRACTION' 
# 
_struct.entry_id                  1J2L 
_struct.title                     'Crystal structure of the disintegrin, trimestatin' 
_struct.pdbx_model_details        ? 
_struct.pdbx_CASP_flag            ? 
_struct.pdbx_model_type_details   ? 
# 
_struct_keywords.entry_id        1J2L 
_struct_keywords.pdbx_keywords   TOXIN 
_struct_keywords.text            'disintegrin, RGD motif, trimestatin, snake venom, TOXIN' 
# 
loop_
_struct_asym.id 
_struct_asym.pdbx_blank_PDB_chainid_flag 
_struct_asym.pdbx_modified 
_struct_asym.entity_id 
_struct_asym.details 
A N N 1 ? 
B N N 2 ? 
C N N 3 ? 
# 
_struct_ref.id                         1 
_struct_ref.db_name                    UNP 
_struct_ref.db_code                    DIST_TRIFL 
_struct_ref.entity_id                  1 
_struct_ref.pdbx_seq_one_letter_code   GEECDCGSPSNPCCDAATCKLRPGAQCADGLCCDQCRFKKKRTICRIARGDFPDDRCTGQSADCPRWNGL 
_struct_ref.pdbx_align_begin           1 
_struct_ref.pdbx_db_accession          P21859 
_struct_ref.pdbx_db_isoform            ? 
# 
_struct_ref_seq.align_id                      1 
_struct_ref_seq.ref_id                        1 
_struct_ref_seq.pdbx_PDB_id_code              1J2L 
_struct_ref_seq.pdbx_strand_id                A 
_struct_ref_seq.seq_align_beg                 1 
_struct_ref_seq.pdbx_seq_align_beg_ins_code   ? 
_struct_ref_seq.seq_align_end                 70 
_struct_ref_seq.pdbx_seq_align_end_ins_code   ? 
_struct_ref_seq.pdbx_db_accession             P21859 
_struct_ref_seq.db_align_beg                  1 
_struct_ref_seq.pdbx_db_align_beg_ins_code    ? 
_struct_ref_seq.db_align_end                  70 
_struct_ref_seq.pdbx_db_align_end_ins_code    ? 
_struct_ref_seq.pdbx_auth_seq_align_beg       1 
_struct_ref_seq.pdbx_auth_seq_align_end       70 
# 
_pdbx_struct_assembly.id                   1 
_pdbx_struct_assembly.details              author_defined_assembly 
_pdbx_struct_assembly.method_details       ? 
_pdbx_struct_assembly.oligomeric_details   monomeric 
_pdbx_struct_assembly.oligomeric_count     1 
# 
_pdbx_struct_assembly_gen.assembly_id       1 
_pdbx_struct_assembly_gen.oper_expression   1 
_pdbx_struct_assembly_gen.asym_id_list      A,B,C 
# 
_pdbx_struct_oper_list.id                   1 
_pdbx_struct_oper_list.type                 'identity operation' 
_pdbx_struct_oper_list.name                 1_555 
_pdbx_struct_oper_list.symmetry_operation   x,y,z 
_pdbx_struct_oper_list.matrix[1][1]         1.0000000000 
_pdbx_struct_oper_list.matrix[1][2]         0.0000000000 
_pdbx_struct_oper_list.matrix[1][3]         0.0000000000 
_pdbx_struct_oper_list.vector[1]            0.0000000000 
_pdbx_struct_oper_list.matrix[2][1]         0.0000000000 
_pdbx_struct_oper_list.matrix[2][2]         1.0000000000 
_pdbx_struct_oper_list.matrix[2][3]         0.0000000000 
_pdbx_struct_oper_list.vector[2]            0.0000000000 
_pdbx_struct_oper_list.matrix[3][1]         0.0000000000 
_pdbx_struct_oper_list.matrix[3][2]         0.0000000000 
_pdbx_struct_oper_list.matrix[3][3]         1.0000000000 
_pdbx_struct_oper_list.vector[3]            0.0000000000 
# 
_struct_biol.id                    1 
_struct_biol.pdbx_parent_biol_id   ? 
_struct_biol.details               ? 
# 
loop_
_struct_conn.id 
_struct_conn.conn_type_id 
_struct_conn.pdbx_leaving_atom_flag 
_struct_conn.pdbx_PDB_id 
_struct_conn.ptnr1_label_asym_id 
_struct_conn.ptnr1_label_comp_id 
_struct_conn.ptnr1_label_seq_id 
_struct_conn.ptnr1_label_atom_id 
_struct_conn.pdbx_ptnr1_label_alt_id 
_struct_conn.pdbx_ptnr1_PDB_ins_code 
_struct_conn.pdbx_ptnr1_standard_comp_id 
_struct_conn.ptnr1_symmetry 
_struct_conn.ptnr2_label_asym_id 
_struct_conn.ptnr2_label_comp_id 
_struct_conn.ptnr2_label_seq_id 
_struct_conn.ptnr2_label_atom_id 
_struct_conn.pdbx_ptnr2_label_alt_id 
_struct_conn.pdbx_ptnr2_PDB_ins_code 
_struct_conn.ptnr1_auth_asym_id 
_struct_conn.ptnr1_auth_comp_id 
_struct_conn.ptnr1_auth_seq_id 
_struct_conn.ptnr2_auth_asym_id 
_struct_conn.ptnr2_auth_comp_id 
_struct_conn.ptnr2_auth_seq_id 
_struct_conn.ptnr2_symmetry 
_struct_conn.pdbx_ptnr3_label_atom_id 
_struct_conn.pdbx_ptnr3_label_seq_id 
_struct_conn.pdbx_ptnr3_label_comp_id 
_struct_conn.pdbx_ptnr3_label_asym_id 
_struct_conn.pdbx_ptnr3_label_alt_id 
_struct_conn.pdbx_ptnr3_PDB_ins_code 
_struct_conn.details 
_struct_conn.pdbx_dist_value 
_struct_conn.pdbx_value_order 
_struct_conn.pdbx_role 
disulf1 disulf ? ? A CYS 4  SG ? ? ? 1_555 A CYS 19 SG ? ? A CYS 4  A CYS 19 1_555 ? ? ? ? ? ? ? 2.029 ? ? 
disulf2 disulf ? ? A CYS 6  SG ? ? ? 1_555 A CYS 14 SG ? ? A CYS 6  A CYS 14 1_555 ? ? ? ? ? ? ? 2.023 ? ? 
disulf3 disulf ? ? A CYS 13 SG ? ? ? 1_555 A CYS 36 SG ? ? A CYS 13 A CYS 36 1_555 ? ? ? ? ? ? ? 2.030 ? ? 
disulf4 disulf ? ? A CYS 27 SG ? ? ? 1_555 A CYS 33 SG ? ? A CYS 27 A CYS 33 1_555 ? ? ? ? ? ? ? 2.033 ? ? 
disulf5 disulf ? ? A CYS 32 SG ? ? ? 1_555 A CYS 57 SG ? ? A CYS 32 A CYS 57 1_555 ? ? ? ? ? ? ? 2.032 ? ? 
disulf6 disulf ? ? A CYS 45 SG ? ? ? 1_555 A CYS 64 SG ? ? A CYS 45 A CYS 64 1_555 ? ? ? ? ? ? ? 2.029 ? ? 
# 
_struct_conn_type.id          disulf 
_struct_conn_type.criteria    ? 
_struct_conn_type.reference   ? 
# 
loop_
_pdbx_modification_feature.ordinal 
_pdbx_modification_feature.label_comp_id 
_pdbx_modification_feature.label_asym_id 
_pdbx_modification_feature.label_seq_id 
_pdbx_modification_feature.label_alt_id 
_pdbx_modification_feature.modified_residue_label_comp_id 
_pdbx_modification_feature.modified_residue_label_asym_id 
_pdbx_modification_feature.modified_residue_label_seq_id 
_pdbx_modification_feature.modified_residue_label_alt_id 
_pdbx_modification_feature.auth_comp_id 
_pdbx_modification_feature.auth_asym_id 
_pdbx_modification_feature.auth_seq_id 
_pdbx_modification_feature.PDB_ins_code 
_pdbx_modification_feature.symmetry 
_pdbx_modification_feature.modified_residue_auth_comp_id 
_pdbx_modification_feature.modified_residue_auth_asym_id 
_pdbx_modification_feature.modified_residue_auth_seq_id 
_pdbx_modification_feature.modified_residue_PDB_ins_code 
_pdbx_modification_feature.modified_residue_symmetry 
_pdbx_modification_feature.comp_id_linking_atom 
_pdbx_modification_feature.modified_residue_id_linking_atom 
_pdbx_modification_feature.modified_residue_id 
_pdbx_modification_feature.ref_pcm_id 
_pdbx_modification_feature.ref_comp_id 
_pdbx_modification_feature.type 
_pdbx_modification_feature.category 
1 CYS A 4  ? CYS A 19 ? CYS A 4  ? 1_555 CYS A 19 ? 1_555 SG SG . . . None 'Disulfide bridge' 
2 CYS A 6  ? CYS A 14 ? CYS A 6  ? 1_555 CYS A 14 ? 1_555 SG SG . . . None 'Disulfide bridge' 
3 CYS A 13 ? CYS A 36 ? CYS A 13 ? 1_555 CYS A 36 ? 1_555 SG SG . . . None 'Disulfide bridge' 
4 CYS A 27 ? CYS A 33 ? CYS A 27 ? 1_555 CYS A 33 ? 1_555 SG SG . . . None 'Disulfide bridge' 
5 CYS A 32 ? CYS A 57 ? CYS A 32 ? 1_555 CYS A 57 ? 1_555 SG SG . . . None 'Disulfide bridge' 
6 CYS A 45 ? CYS A 64 ? CYS A 45 ? 1_555 CYS A 64 ? 1_555 SG SG . . . None 'Disulfide bridge' 
# 
loop_
_struct_sheet.id 
_struct_sheet.type 
_struct_sheet.number_strands 
_struct_sheet.details 
A ? 2 ? 
B ? 2 ? 
# 
loop_
_struct_sheet_order.sheet_id 
_struct_sheet_order.range_id_1 
_struct_sheet_order.range_id_2 
_struct_sheet_order.offset 
_struct_sheet_order.sense 
A 1 2 ? anti-parallel 
B 1 2 ? anti-parallel 
# 
loop_
_struct_sheet_range.sheet_id 
_struct_sheet_range.id 
_struct_sheet_range.beg_label_comp_id 
_struct_sheet_range.beg_label_asym_id 
_struct_sheet_range.beg_label_seq_id 
_struct_sheet_range.pdbx_beg_PDB_ins_code 
_struct_sheet_range.end_label_comp_id 
_struct_sheet_range.end_label_asym_id 
_struct_sheet_range.end_label_seq_id 
_struct_sheet_range.pdbx_end_PDB_ins_code 
_struct_sheet_range.beg_auth_comp_id 
_struct_sheet_range.beg_auth_asym_id 
_struct_sheet_range.beg_auth_seq_id 
_struct_sheet_range.end_auth_comp_id 
_struct_sheet_range.end_auth_asym_id 
_struct_sheet_range.end_auth_seq_id 
A 1 CYS A 33 ? ASP A 34 ? CYS A 33 ASP A 34 
A 2 ARG A 37 ? PHE A 38 ? ARG A 37 PHE A 38 
B 1 ILE A 44 ? ARG A 46 ? ILE A 44 ARG A 46 
B 2 ASP A 55 ? ARG A 56 ? ASP A 55 ARG A 56 
# 
loop_
_pdbx_struct_sheet_hbond.sheet_id 
_pdbx_struct_sheet_hbond.range_id_1 
_pdbx_struct_sheet_hbond.range_id_2 
_pdbx_struct_sheet_hbond.range_1_label_atom_id 
_pdbx_struct_sheet_hbond.range_1_label_comp_id 
_pdbx_struct_sheet_hbond.range_1_label_asym_id 
_pdbx_struct_sheet_hbond.range_1_label_seq_id 
_pdbx_struct_sheet_hbond.range_1_PDB_ins_code 
_pdbx_struct_sheet_hbond.range_1_auth_atom_id 
_pdbx_struct_sheet_hbond.range_1_auth_comp_id 
_pdbx_struct_sheet_hbond.range_1_auth_asym_id 
_pdbx_struct_sheet_hbond.range_1_auth_seq_id 
_pdbx_struct_sheet_hbond.range_2_label_atom_id 
_pdbx_struct_sheet_hbond.range_2_label_comp_id 
_pdbx_struct_sheet_hbond.range_2_label_asym_id 
_pdbx_struct_sheet_hbond.range_2_label_seq_id 
_pdbx_struct_sheet_hbond.range_2_PDB_ins_code 
_pdbx_struct_sheet_hbond.range_2_auth_atom_id 
_pdbx_struct_sheet_hbond.range_2_auth_comp_id 
_pdbx_struct_sheet_hbond.range_2_auth_asym_id 
_pdbx_struct_sheet_hbond.range_2_auth_seq_id 
A 1 2 N ASP A 34 ? N ASP A 34 O ARG A 37 ? O ARG A 37 
B 1 2 N ARG A 46 ? N ARG A 46 O ASP A 55 ? O ASP A 55 
# 
_struct_site.id                   AC1 
_struct_site.pdbx_evidence_code   Software 
_struct_site.pdbx_auth_asym_id    A 
_struct_site.pdbx_auth_comp_id    SO4 
_struct_site.pdbx_auth_seq_id     701 
_struct_site.pdbx_auth_ins_code   ? 
_struct_site.pdbx_num_residues    6 
_struct_site.details              'BINDING SITE FOR RESIDUE SO4 A 701' 
# 
loop_
_struct_site_gen.id 
_struct_site_gen.site_id 
_struct_site_gen.pdbx_num_res 
_struct_site_gen.label_comp_id 
_struct_site_gen.label_asym_id 
_struct_site_gen.label_seq_id 
_struct_site_gen.pdbx_auth_ins_code 
_struct_site_gen.auth_comp_id 
_struct_site_gen.auth_asym_id 
_struct_site_gen.auth_seq_id 
_struct_site_gen.label_atom_id 
_struct_site_gen.label_alt_id 
_struct_site_gen.symmetry 
_struct_site_gen.details 
1 AC1 6 GLY A 7  ? GLY A 7   . ? 1_555 ? 
2 AC1 6 SER A 8  ? SER A 8   . ? 1_555 ? 
3 AC1 6 ASN A 11 ? ASN A 11  . ? 1_555 ? 
4 AC1 6 HOH C .  ? HOH A 725 . ? 1_555 ? 
5 AC1 6 HOH C .  ? HOH A 746 . ? 1_555 ? 
6 AC1 6 HOH C .  ? HOH A 844 . ? 2_656 ? 
# 
_pdbx_entry_details.entry_id                   1J2L 
_pdbx_entry_details.compound_details           ? 
_pdbx_entry_details.source_details             ? 
_pdbx_entry_details.nonpolymer_details         ? 
_pdbx_entry_details.sequence_details           ? 
_pdbx_entry_details.has_ligand_of_interest     ? 
_pdbx_entry_details.has_protein_modification   Y 
# 
_pdbx_validate_symm_contact.id                1 
_pdbx_validate_symm_contact.PDB_model_num     1 
_pdbx_validate_symm_contact.auth_atom_id_1    O 
_pdbx_validate_symm_contact.auth_asym_id_1    A 
_pdbx_validate_symm_contact.auth_comp_id_1    HOH 
_pdbx_validate_symm_contact.auth_seq_id_1     797 
_pdbx_validate_symm_contact.PDB_ins_code_1    ? 
_pdbx_validate_symm_contact.label_alt_id_1    ? 
_pdbx_validate_symm_contact.site_symmetry_1   1_555 
_pdbx_validate_symm_contact.auth_atom_id_2    O 
_pdbx_validate_symm_contact.auth_asym_id_2    A 
_pdbx_validate_symm_contact.auth_comp_id_2    HOH 
_pdbx_validate_symm_contact.auth_seq_id_2     797 
_pdbx_validate_symm_contact.PDB_ins_code_2    ? 
_pdbx_validate_symm_contact.label_alt_id_2    ? 
_pdbx_validate_symm_contact.site_symmetry_2   2_555 
_pdbx_validate_symm_contact.dist              2.19 
# 
_pdbx_validate_torsion.id              1 
_pdbx_validate_torsion.PDB_model_num   1 
_pdbx_validate_torsion.auth_comp_id    ARG 
_pdbx_validate_torsion.auth_asym_id    A 
_pdbx_validate_torsion.auth_seq_id     42 
_pdbx_validate_torsion.PDB_ins_code    ? 
_pdbx_validate_torsion.label_alt_id    ? 
_pdbx_validate_torsion.phi             82.15 
_pdbx_validate_torsion.psi             -4.32 
# 
loop_
_pdbx_unobs_or_zero_occ_residues.id 
_pdbx_unobs_or_zero_occ_residues.PDB_model_num 
_pdbx_unobs_or_zero_occ_residues.polymer_flag 
_pdbx_unobs_or_zero_occ_residues.occupancy_flag 
_pdbx_unobs_or_zero_occ_residues.auth_asym_id 
_pdbx_unobs_or_zero_occ_residues.auth_comp_id 
_pdbx_unobs_or_zero_occ_residues.auth_seq_id 
_pdbx_unobs_or_zero_occ_residues.PDB_ins_code 
_pdbx_unobs_or_zero_occ_residues.label_asym_id 
_pdbx_unobs_or_zero_occ_residues.label_comp_id 
_pdbx_unobs_or_zero_occ_residues.label_seq_id 
1 1 Y 1 A GLY 69 ? A GLY 69 
2 1 Y 1 A LEU 70 ? A LEU 70 
# 
loop_
_chem_comp_atom.comp_id 
_chem_comp_atom.atom_id 
_chem_comp_atom.type_symbol 
_chem_comp_atom.pdbx_aromatic_flag 
_chem_comp_atom.pdbx_stereo_config 
_chem_comp_atom.pdbx_ordinal 
ALA N    N N N 1   
ALA CA   C N S 2   
ALA C    C N N 3   
ALA O    O N N 4   
ALA CB   C N N 5   
ALA OXT  O N N 6   
ALA H    H N N 7   
ALA H2   H N N 8   
ALA HA   H N N 9   
ALA HB1  H N N 10  
ALA HB2  H N N 11  
ALA HB3  H N N 12  
ALA HXT  H N N 13  
ARG N    N N N 14  
ARG CA   C N S 15  
ARG C    C N N 16  
ARG O    O N N 17  
ARG CB   C N N 18  
ARG CG   C N N 19  
ARG CD   C N N 20  
ARG NE   N N N 21  
ARG CZ   C N N 22  
ARG NH1  N N N 23  
ARG NH2  N N N 24  
ARG OXT  O N N 25  
ARG H    H N N 26  
ARG H2   H N N 27  
ARG HA   H N N 28  
ARG HB2  H N N 29  
ARG HB3  H N N 30  
ARG HG2  H N N 31  
ARG HG3  H N N 32  
ARG HD2  H N N 33  
ARG HD3  H N N 34  
ARG HE   H N N 35  
ARG HH11 H N N 36  
ARG HH12 H N N 37  
ARG HH21 H N N 38  
ARG HH22 H N N 39  
ARG HXT  H N N 40  
ASN N    N N N 41  
ASN CA   C N S 42  
ASN C    C N N 43  
ASN O    O N N 44  
ASN CB   C N N 45  
ASN CG   C N N 46  
ASN OD1  O N N 47  
ASN ND2  N N N 48  
ASN OXT  O N N 49  
ASN H    H N N 50  
ASN H2   H N N 51  
ASN HA   H N N 52  
ASN HB2  H N N 53  
ASN HB3  H N N 54  
ASN HD21 H N N 55  
ASN HD22 H N N 56  
ASN HXT  H N N 57  
ASP N    N N N 58  
ASP CA   C N S 59  
ASP C    C N N 60  
ASP O    O N N 61  
ASP CB   C N N 62  
ASP CG   C N N 63  
ASP OD1  O N N 64  
ASP OD2  O N N 65  
ASP OXT  O N N 66  
ASP H    H N N 67  
ASP H2   H N N 68  
ASP HA   H N N 69  
ASP HB2  H N N 70  
ASP HB3  H N N 71  
ASP HD2  H N N 72  
ASP HXT  H N N 73  
CYS N    N N N 74  
CYS CA   C N R 75  
CYS C    C N N 76  
CYS O    O N N 77  
CYS CB   C N N 78  
CYS SG   S N N 79  
CYS OXT  O N N 80  
CYS H    H N N 81  
CYS H2   H N N 82  
CYS HA   H N N 83  
CYS HB2  H N N 84  
CYS HB3  H N N 85  
CYS HG   H N N 86  
CYS HXT  H N N 87  
GLN N    N N N 88  
GLN CA   C N S 89  
GLN C    C N N 90  
GLN O    O N N 91  
GLN CB   C N N 92  
GLN CG   C N N 93  
GLN CD   C N N 94  
GLN OE1  O N N 95  
GLN NE2  N N N 96  
GLN OXT  O N N 97  
GLN H    H N N 98  
GLN H2   H N N 99  
GLN HA   H N N 100 
GLN HB2  H N N 101 
GLN HB3  H N N 102 
GLN HG2  H N N 103 
GLN HG3  H N N 104 
GLN HE21 H N N 105 
GLN HE22 H N N 106 
GLN HXT  H N N 107 
GLU N    N N N 108 
GLU CA   C N S 109 
GLU C    C N N 110 
GLU O    O N N 111 
GLU CB   C N N 112 
GLU CG   C N N 113 
GLU CD   C N N 114 
GLU OE1  O N N 115 
GLU OE2  O N N 116 
GLU OXT  O N N 117 
GLU H    H N N 118 
GLU H2   H N N 119 
GLU HA   H N N 120 
GLU HB2  H N N 121 
GLU HB3  H N N 122 
GLU HG2  H N N 123 
GLU HG3  H N N 124 
GLU HE2  H N N 125 
GLU HXT  H N N 126 
GLY N    N N N 127 
GLY CA   C N N 128 
GLY C    C N N 129 
GLY O    O N N 130 
GLY OXT  O N N 131 
GLY H    H N N 132 
GLY H2   H N N 133 
GLY HA2  H N N 134 
GLY HA3  H N N 135 
GLY HXT  H N N 136 
HOH O    O N N 137 
HOH H1   H N N 138 
HOH H2   H N N 139 
ILE N    N N N 140 
ILE CA   C N S 141 
ILE C    C N N 142 
ILE O    O N N 143 
ILE CB   C N S 144 
ILE CG1  C N N 145 
ILE CG2  C N N 146 
ILE CD1  C N N 147 
ILE OXT  O N N 148 
ILE H    H N N 149 
ILE H2   H N N 150 
ILE HA   H N N 151 
ILE HB   H N N 152 
ILE HG12 H N N 153 
ILE HG13 H N N 154 
ILE HG21 H N N 155 
ILE HG22 H N N 156 
ILE HG23 H N N 157 
ILE HD11 H N N 158 
ILE HD12 H N N 159 
ILE HD13 H N N 160 
ILE HXT  H N N 161 
LEU N    N N N 162 
LEU CA   C N S 163 
LEU C    C N N 164 
LEU O    O N N 165 
LEU CB   C N N 166 
LEU CG   C N N 167 
LEU CD1  C N N 168 
LEU CD2  C N N 169 
LEU OXT  O N N 170 
LEU H    H N N 171 
LEU H2   H N N 172 
LEU HA   H N N 173 
LEU HB2  H N N 174 
LEU HB3  H N N 175 
LEU HG   H N N 176 
LEU HD11 H N N 177 
LEU HD12 H N N 178 
LEU HD13 H N N 179 
LEU HD21 H N N 180 
LEU HD22 H N N 181 
LEU HD23 H N N 182 
LEU HXT  H N N 183 
LYS N    N N N 184 
LYS CA   C N S 185 
LYS C    C N N 186 
LYS O    O N N 187 
LYS CB   C N N 188 
LYS CG   C N N 189 
LYS CD   C N N 190 
LYS CE   C N N 191 
LYS NZ   N N N 192 
LYS OXT  O N N 193 
LYS H    H N N 194 
LYS H2   H N N 195 
LYS HA   H N N 196 
LYS HB2  H N N 197 
LYS HB3  H N N 198 
LYS HG2  H N N 199 
LYS HG3  H N N 200 
LYS HD2  H N N 201 
LYS HD3  H N N 202 
LYS HE2  H N N 203 
LYS HE3  H N N 204 
LYS HZ1  H N N 205 
LYS HZ2  H N N 206 
LYS HZ3  H N N 207 
LYS HXT  H N N 208 
PHE N    N N N 209 
PHE CA   C N S 210 
PHE C    C N N 211 
PHE O    O N N 212 
PHE CB   C N N 213 
PHE CG   C Y N 214 
PHE CD1  C Y N 215 
PHE CD2  C Y N 216 
PHE CE1  C Y N 217 
PHE CE2  C Y N 218 
PHE CZ   C Y N 219 
PHE OXT  O N N 220 
PHE H    H N N 221 
PHE H2   H N N 222 
PHE HA   H N N 223 
PHE HB2  H N N 224 
PHE HB3  H N N 225 
PHE HD1  H N N 226 
PHE HD2  H N N 227 
PHE HE1  H N N 228 
PHE HE2  H N N 229 
PHE HZ   H N N 230 
PHE HXT  H N N 231 
PRO N    N N N 232 
PRO CA   C N S 233 
PRO C    C N N 234 
PRO O    O N N 235 
PRO CB   C N N 236 
PRO CG   C N N 237 
PRO CD   C N N 238 
PRO OXT  O N N 239 
PRO H    H N N 240 
PRO HA   H N N 241 
PRO HB2  H N N 242 
PRO HB3  H N N 243 
PRO HG2  H N N 244 
PRO HG3  H N N 245 
PRO HD2  H N N 246 
PRO HD3  H N N 247 
PRO HXT  H N N 248 
SER N    N N N 249 
SER CA   C N S 250 
SER C    C N N 251 
SER O    O N N 252 
SER CB   C N N 253 
SER OG   O N N 254 
SER OXT  O N N 255 
SER H    H N N 256 
SER H2   H N N 257 
SER HA   H N N 258 
SER HB2  H N N 259 
SER HB3  H N N 260 
SER HG   H N N 261 
SER HXT  H N N 262 
SO4 S    S N N 263 
SO4 O1   O N N 264 
SO4 O2   O N N 265 
SO4 O3   O N N 266 
SO4 O4   O N N 267 
THR N    N N N 268 
THR CA   C N S 269 
THR C    C N N 270 
THR O    O N N 271 
THR CB   C N R 272 
THR OG1  O N N 273 
THR CG2  C N N 274 
THR OXT  O N N 275 
THR H    H N N 276 
THR H2   H N N 277 
THR HA   H N N 278 
THR HB   H N N 279 
THR HG1  H N N 280 
THR HG21 H N N 281 
THR HG22 H N N 282 
THR HG23 H N N 283 
THR HXT  H N N 284 
TRP N    N N N 285 
TRP CA   C N S 286 
TRP C    C N N 287 
TRP O    O N N 288 
TRP CB   C N N 289 
TRP CG   C Y N 290 
TRP CD1  C Y N 291 
TRP CD2  C Y N 292 
TRP NE1  N Y N 293 
TRP CE2  C Y N 294 
TRP CE3  C Y N 295 
TRP CZ2  C Y N 296 
TRP CZ3  C Y N 297 
TRP CH2  C Y N 298 
TRP OXT  O N N 299 
TRP H    H N N 300 
TRP H2   H N N 301 
TRP HA   H N N 302 
TRP HB2  H N N 303 
TRP HB3  H N N 304 
TRP HD1  H N N 305 
TRP HE1  H N N 306 
TRP HE3  H N N 307 
TRP HZ2  H N N 308 
TRP HZ3  H N N 309 
TRP HH2  H N N 310 
TRP HXT  H N N 311 
# 
loop_
_chem_comp_bond.comp_id 
_chem_comp_bond.atom_id_1 
_chem_comp_bond.atom_id_2 
_chem_comp_bond.value_order 
_chem_comp_bond.pdbx_aromatic_flag 
_chem_comp_bond.pdbx_stereo_config 
_chem_comp_bond.pdbx_ordinal 
ALA N   CA   sing N N 1   
ALA N   H    sing N N 2   
ALA N   H2   sing N N 3   
ALA CA  C    sing N N 4   
ALA CA  CB   sing N N 5   
ALA CA  HA   sing N N 6   
ALA C   O    doub N N 7   
ALA C   OXT  sing N N 8   
ALA CB  HB1  sing N N 9   
ALA CB  HB2  sing N N 10  
ALA CB  HB3  sing N N 11  
ALA OXT HXT  sing N N 12  
ARG N   CA   sing N N 13  
ARG N   H    sing N N 14  
ARG N   H2   sing N N 15  
ARG CA  C    sing N N 16  
ARG CA  CB   sing N N 17  
ARG CA  HA   sing N N 18  
ARG C   O    doub N N 19  
ARG C   OXT  sing N N 20  
ARG CB  CG   sing N N 21  
ARG CB  HB2  sing N N 22  
ARG CB  HB3  sing N N 23  
ARG CG  CD   sing N N 24  
ARG CG  HG2  sing N N 25  
ARG CG  HG3  sing N N 26  
ARG CD  NE   sing N N 27  
ARG CD  HD2  sing N N 28  
ARG CD  HD3  sing N N 29  
ARG NE  CZ   sing N N 30  
ARG NE  HE   sing N N 31  
ARG CZ  NH1  sing N N 32  
ARG CZ  NH2  doub N N 33  
ARG NH1 HH11 sing N N 34  
ARG NH1 HH12 sing N N 35  
ARG NH2 HH21 sing N N 36  
ARG NH2 HH22 sing N N 37  
ARG OXT HXT  sing N N 38  
ASN N   CA   sing N N 39  
ASN N   H    sing N N 40  
ASN N   H2   sing N N 41  
ASN CA  C    sing N N 42  
ASN CA  CB   sing N N 43  
ASN CA  HA   sing N N 44  
ASN C   O    doub N N 45  
ASN C   OXT  sing N N 46  
ASN CB  CG   sing N N 47  
ASN CB  HB2  sing N N 48  
ASN CB  HB3  sing N N 49  
ASN CG  OD1  doub N N 50  
ASN CG  ND2  sing N N 51  
ASN ND2 HD21 sing N N 52  
ASN ND2 HD22 sing N N 53  
ASN OXT HXT  sing N N 54  
ASP N   CA   sing N N 55  
ASP N   H    sing N N 56  
ASP N   H2   sing N N 57  
ASP CA  C    sing N N 58  
ASP CA  CB   sing N N 59  
ASP CA  HA   sing N N 60  
ASP C   O    doub N N 61  
ASP C   OXT  sing N N 62  
ASP CB  CG   sing N N 63  
ASP CB  HB2  sing N N 64  
ASP CB  HB3  sing N N 65  
ASP CG  OD1  doub N N 66  
ASP CG  OD2  sing N N 67  
ASP OD2 HD2  sing N N 68  
ASP OXT HXT  sing N N 69  
CYS N   CA   sing N N 70  
CYS N   H    sing N N 71  
CYS N   H2   sing N N 72  
CYS CA  C    sing N N 73  
CYS CA  CB   sing N N 74  
CYS CA  HA   sing N N 75  
CYS C   O    doub N N 76  
CYS C   OXT  sing N N 77  
CYS CB  SG   sing N N 78  
CYS CB  HB2  sing N N 79  
CYS CB  HB3  sing N N 80  
CYS SG  HG   sing N N 81  
CYS OXT HXT  sing N N 82  
GLN N   CA   sing N N 83  
GLN N   H    sing N N 84  
GLN N   H2   sing N N 85  
GLN CA  C    sing N N 86  
GLN CA  CB   sing N N 87  
GLN CA  HA   sing N N 88  
GLN C   O    doub N N 89  
GLN C   OXT  sing N N 90  
GLN CB  CG   sing N N 91  
GLN CB  HB2  sing N N 92  
GLN CB  HB3  sing N N 93  
GLN CG  CD   sing N N 94  
GLN CG  HG2  sing N N 95  
GLN CG  HG3  sing N N 96  
GLN CD  OE1  doub N N 97  
GLN CD  NE2  sing N N 98  
GLN NE2 HE21 sing N N 99  
GLN NE2 HE22 sing N N 100 
GLN OXT HXT  sing N N 101 
GLU N   CA   sing N N 102 
GLU N   H    sing N N 103 
GLU N   H2   sing N N 104 
GLU CA  C    sing N N 105 
GLU CA  CB   sing N N 106 
GLU CA  HA   sing N N 107 
GLU C   O    doub N N 108 
GLU C   OXT  sing N N 109 
GLU CB  CG   sing N N 110 
GLU CB  HB2  sing N N 111 
GLU CB  HB3  sing N N 112 
GLU CG  CD   sing N N 113 
GLU CG  HG2  sing N N 114 
GLU CG  HG3  sing N N 115 
GLU CD  OE1  doub N N 116 
GLU CD  OE2  sing N N 117 
GLU OE2 HE2  sing N N 118 
GLU OXT HXT  sing N N 119 
GLY N   CA   sing N N 120 
GLY N   H    sing N N 121 
GLY N   H2   sing N N 122 
GLY CA  C    sing N N 123 
GLY CA  HA2  sing N N 124 
GLY CA  HA3  sing N N 125 
GLY C   O    doub N N 126 
GLY C   OXT  sing N N 127 
GLY OXT HXT  sing N N 128 
HOH O   H1   sing N N 129 
HOH O   H2   sing N N 130 
ILE N   CA   sing N N 131 
ILE N   H    sing N N 132 
ILE N   H2   sing N N 133 
ILE CA  C    sing N N 134 
ILE CA  CB   sing N N 135 
ILE CA  HA   sing N N 136 
ILE C   O    doub N N 137 
ILE C   OXT  sing N N 138 
ILE CB  CG1  sing N N 139 
ILE CB  CG2  sing N N 140 
ILE CB  HB   sing N N 141 
ILE CG1 CD1  sing N N 142 
ILE CG1 HG12 sing N N 143 
ILE CG1 HG13 sing N N 144 
ILE CG2 HG21 sing N N 145 
ILE CG2 HG22 sing N N 146 
ILE CG2 HG23 sing N N 147 
ILE CD1 HD11 sing N N 148 
ILE CD1 HD12 sing N N 149 
ILE CD1 HD13 sing N N 150 
ILE OXT HXT  sing N N 151 
LEU N   CA   sing N N 152 
LEU N   H    sing N N 153 
LEU N   H2   sing N N 154 
LEU CA  C    sing N N 155 
LEU CA  CB   sing N N 156 
LEU CA  HA   sing N N 157 
LEU C   O    doub N N 158 
LEU C   OXT  sing N N 159 
LEU CB  CG   sing N N 160 
LEU CB  HB2  sing N N 161 
LEU CB  HB3  sing N N 162 
LEU CG  CD1  sing N N 163 
LEU CG  CD2  sing N N 164 
LEU CG  HG   sing N N 165 
LEU CD1 HD11 sing N N 166 
LEU CD1 HD12 sing N N 167 
LEU CD1 HD13 sing N N 168 
LEU CD2 HD21 sing N N 169 
LEU CD2 HD22 sing N N 170 
LEU CD2 HD23 sing N N 171 
LEU OXT HXT  sing N N 172 
LYS N   CA   sing N N 173 
LYS N   H    sing N N 174 
LYS N   H2   sing N N 175 
LYS CA  C    sing N N 176 
LYS CA  CB   sing N N 177 
LYS CA  HA   sing N N 178 
LYS C   O    doub N N 179 
LYS C   OXT  sing N N 180 
LYS CB  CG   sing N N 181 
LYS CB  HB2  sing N N 182 
LYS CB  HB3  sing N N 183 
LYS CG  CD   sing N N 184 
LYS CG  HG2  sing N N 185 
LYS CG  HG3  sing N N 186 
LYS CD  CE   sing N N 187 
LYS CD  HD2  sing N N 188 
LYS CD  HD3  sing N N 189 
LYS CE  NZ   sing N N 190 
LYS CE  HE2  sing N N 191 
LYS CE  HE3  sing N N 192 
LYS NZ  HZ1  sing N N 193 
LYS NZ  HZ2  sing N N 194 
LYS NZ  HZ3  sing N N 195 
LYS OXT HXT  sing N N 196 
PHE N   CA   sing N N 197 
PHE N   H    sing N N 198 
PHE N   H2   sing N N 199 
PHE CA  C    sing N N 200 
PHE CA  CB   sing N N 201 
PHE CA  HA   sing N N 202 
PHE C   O    doub N N 203 
PHE C   OXT  sing N N 204 
PHE CB  CG   sing N N 205 
PHE CB  HB2  sing N N 206 
PHE CB  HB3  sing N N 207 
PHE CG  CD1  doub Y N 208 
PHE CG  CD2  sing Y N 209 
PHE CD1 CE1  sing Y N 210 
PHE CD1 HD1  sing N N 211 
PHE CD2 CE2  doub Y N 212 
PHE CD2 HD2  sing N N 213 
PHE CE1 CZ   doub Y N 214 
PHE CE1 HE1  sing N N 215 
PHE CE2 CZ   sing Y N 216 
PHE CE2 HE2  sing N N 217 
PHE CZ  HZ   sing N N 218 
PHE OXT HXT  sing N N 219 
PRO N   CA   sing N N 220 
PRO N   CD   sing N N 221 
PRO N   H    sing N N 222 
PRO CA  C    sing N N 223 
PRO CA  CB   sing N N 224 
PRO CA  HA   sing N N 225 
PRO C   O    doub N N 226 
PRO C   OXT  sing N N 227 
PRO CB  CG   sing N N 228 
PRO CB  HB2  sing N N 229 
PRO CB  HB3  sing N N 230 
PRO CG  CD   sing N N 231 
PRO CG  HG2  sing N N 232 
PRO CG  HG3  sing N N 233 
PRO CD  HD2  sing N N 234 
PRO CD  HD3  sing N N 235 
PRO OXT HXT  sing N N 236 
SER N   CA   sing N N 237 
SER N   H    sing N N 238 
SER N   H2   sing N N 239 
SER CA  C    sing N N 240 
SER CA  CB   sing N N 241 
SER CA  HA   sing N N 242 
SER C   O    doub N N 243 
SER C   OXT  sing N N 244 
SER CB  OG   sing N N 245 
SER CB  HB2  sing N N 246 
SER CB  HB3  sing N N 247 
SER OG  HG   sing N N 248 
SER OXT HXT  sing N N 249 
SO4 S   O1   doub N N 250 
SO4 S   O2   doub N N 251 
SO4 S   O3   sing N N 252 
SO4 S   O4   sing N N 253 
THR N   CA   sing N N 254 
THR N   H    sing N N 255 
THR N   H2   sing N N 256 
THR CA  C    sing N N 257 
THR CA  CB   sing N N 258 
THR CA  HA   sing N N 259 
THR C   O    doub N N 260 
THR C   OXT  sing N N 261 
THR CB  OG1  sing N N 262 
THR CB  CG2  sing N N 263 
THR CB  HB   sing N N 264 
THR OG1 HG1  sing N N 265 
THR CG2 HG21 sing N N 266 
THR CG2 HG22 sing N N 267 
THR CG2 HG23 sing N N 268 
THR OXT HXT  sing N N 269 
TRP N   CA   sing N N 270 
TRP N   H    sing N N 271 
TRP N   H2   sing N N 272 
TRP CA  C    sing N N 273 
TRP CA  CB   sing N N 274 
TRP CA  HA   sing N N 275 
TRP C   O    doub N N 276 
TRP C   OXT  sing N N 277 
TRP CB  CG   sing N N 278 
TRP CB  HB2  sing N N 279 
TRP CB  HB3  sing N N 280 
TRP CG  CD1  doub Y N 281 
TRP CG  CD2  sing Y N 282 
TRP CD1 NE1  sing Y N 283 
TRP CD1 HD1  sing N N 284 
TRP CD2 CE2  doub Y N 285 
TRP CD2 CE3  sing Y N 286 
TRP NE1 CE2  sing Y N 287 
TRP NE1 HE1  sing N N 288 
TRP CE2 CZ2  sing Y N 289 
TRP CE3 CZ3  doub Y N 290 
TRP CE3 HE3  sing N N 291 
TRP CZ2 CH2  doub Y N 292 
TRP CZ2 HZ2  sing N N 293 
TRP CZ3 CH2  sing Y N 294 
TRP CZ3 HZ3  sing N N 295 
TRP CH2 HH2  sing N N 296 
TRP OXT HXT  sing N N 297 
# 
_pdbx_initial_refinement_model.id               1 
_pdbx_initial_refinement_model.entity_id_list   ? 
_pdbx_initial_refinement_model.type             'experimental model' 
_pdbx_initial_refinement_model.source_name      PDB 
_pdbx_initial_refinement_model.accession_code   1FVL 
_pdbx_initial_refinement_model.details          'PDB ENTRY 1FVL' 
# 
_atom_sites.entry_id                    1J2L 
_atom_sites.fract_transf_matrix[1][1]   -0.01068782 
_atom_sites.fract_transf_matrix[1][2]   0.02396717 
_atom_sites.fract_transf_matrix[1][3]   -0.00111757 
_atom_sites.fract_transf_matrix[2][1]   -0.01476241 
_atom_sites.fract_transf_matrix[2][2]   -0.00596021 
_atom_sites.fract_transf_matrix[2][3]   0.01335809 
_atom_sites.fract_transf_matrix[3][1]   0.00716554 
_atom_sites.fract_transf_matrix[3][2]   0.02586846 
_atom_sites.fract_transf_matrix[3][3]   0.01946103 
_atom_sites.fract_transf_vector[1]      0.259738 
_atom_sites.fract_transf_vector[2]      0.975456 
_atom_sites.fract_transf_vector[3]      0.131790 
# 
loop_
_atom_type.symbol 
C 
N 
O 
S 
# 
loop_
_atom_site.group_PDB 
_atom_site.id 
_atom_site.type_symbol 
_atom_site.label_atom_id 
_atom_site.label_alt_id 
_atom_site.label_comp_id 
_atom_site.label_asym_id 
_atom_site.label_entity_id 
_atom_site.label_seq_id 
_atom_site.pdbx_PDB_ins_code 
_atom_site.Cartn_x 
_atom_site.Cartn_y 
_atom_site.Cartn_z 
_atom_site.occupancy 
_atom_site.B_iso_or_equiv 
_atom_site.pdbx_formal_charge 
_atom_site.auth_seq_id 
_atom_site.auth_comp_id 
_atom_site.auth_asym_id 
_atom_site.auth_atom_id 
_atom_site.pdbx_PDB_model_num 
ATOM   1   N N   . GLY A 1 1  ? 24.223  0.284   -3.984  1.00 15.46 ? 1   GLY A N   1 
ATOM   2   C CA  . GLY A 1 1  ? 22.867  0.894   -4.023  1.00 15.35 ? 1   GLY A CA  1 
ATOM   3   C C   . GLY A 1 1  ? 21.971  0.333   -2.939  1.00 16.31 ? 1   GLY A C   1 
ATOM   4   O O   . GLY A 1 1  ? 22.317  -0.656  -2.287  1.00 17.44 ? 1   GLY A O   1 
ATOM   5   N N   . GLU A 1 2  ? 20.819  0.963   -2.743  1.00 15.63 ? 2   GLU A N   1 
ATOM   6   C CA  . GLU A 1 2  ? 19.869  0.525   -1.728  1.00 15.17 ? 2   GLU A CA  1 
ATOM   7   C C   . GLU A 1 2  ? 18.478  0.367   -2.323  1.00 14.23 ? 2   GLU A C   1 
ATOM   8   O O   . GLU A 1 2  ? 18.003  1.240   -3.049  1.00 13.39 ? 2   GLU A O   1 
ATOM   9   C CB  . GLU A 1 2  ? 19.798  1.546   -0.591  1.00 16.84 ? 2   GLU A CB  1 
ATOM   10  C CG  . GLU A 1 2  ? 21.132  1.918   0.024   1.00 19.93 ? 2   GLU A CG  1 
ATOM   11  C CD  . GLU A 1 2  ? 21.861  0.726   0.606   1.00 23.02 ? 2   GLU A CD  1 
ATOM   12  O OE1 . GLU A 1 2  ? 21.185  -0.196  1.112   1.00 25.03 ? 2   GLU A OE1 1 
ATOM   13  O OE2 . GLU A 1 2  ? 23.110  0.721   0.566   1.00 26.64 ? 2   GLU A OE2 1 
ATOM   14  N N   . GLU A 1 3  ? 17.822  -0.747  -2.018  1.00 14.46 ? 3   GLU A N   1 
ATOM   15  C CA  . GLU A 1 3  ? 16.473  -0.972  -2.511  1.00 14.87 ? 3   GLU A CA  1 
ATOM   16  C C   . GLU A 1 3  ? 15.541  -0.351  -1.475  1.00 15.17 ? 3   GLU A C   1 
ATOM   17  O O   . GLU A 1 3  ? 15.036  -1.039  -0.589  1.00 16.53 ? 3   GLU A O   1 
ATOM   18  C CB  . GLU A 1 3  ? 16.195  -2.470  -2.637  1.00 17.62 ? 3   GLU A CB  1 
ATOM   19  C CG  . GLU A 1 3  ? 14.995  -2.794  -3.504  1.00 21.10 ? 3   GLU A CG  1 
ATOM   20  C CD  . GLU A 1 3  ? 14.703  -4.282  -3.566  1.00 22.06 ? 3   GLU A CD  1 
ATOM   21  O OE1 . GLU A 1 3  ? 15.665  -5.079  -3.548  1.00 22.19 ? 3   GLU A OE1 1 
ATOM   22  O OE2 . GLU A 1 3  ? 13.511  -4.647  -3.644  1.00 21.54 ? 3   GLU A OE2 1 
ATOM   23  N N   . CYS A 1 4  ? 15.325  0.955   -1.590  1.00 13.86 ? 4   CYS A N   1 
ATOM   24  C CA  . CYS A 1 4  ? 14.484  1.682   -0.645  1.00 14.20 ? 4   CYS A CA  1 
ATOM   25  C C   . CYS A 1 4  ? 12.999  1.397   -0.782  1.00 14.01 ? 4   CYS A C   1 
ATOM   26  O O   . CYS A 1 4  ? 12.489  1.216   -1.886  1.00 14.71 ? 4   CYS A O   1 
ATOM   27  C CB  . CYS A 1 4  ? 14.717  3.184   -0.783  1.00 15.03 ? 4   CYS A CB  1 
ATOM   28  S SG  . CYS A 1 4  ? 16.429  3.678   -0.442  1.00 16.80 ? 4   CYS A SG  1 
ATOM   29  N N   . ASP A 1 5  ? 12.306  1.370   0.352   1.00 15.11 ? 5   ASP A N   1 
ATOM   30  C CA  . ASP A 1 5  ? 10.872  1.115   0.352   1.00 15.25 ? 5   ASP A CA  1 
ATOM   31  C C   . ASP A 1 5  ? 10.080  2.405   0.174   1.00 16.95 ? 5   ASP A C   1 
ATOM   32  O O   . ASP A 1 5  ? 8.916   2.373   -0.219  1.00 17.87 ? 5   ASP A O   1 
ATOM   33  C CB  . ASP A 1 5  ? 10.445  0.412   1.647   1.00 16.07 ? 5   ASP A CB  1 
ATOM   34  C CG  . ASP A 1 5  ? 11.041  -0.978  1.785   1.00 19.63 ? 5   ASP A CG  1 
ATOM   35  O OD1 . ASP A 1 5  ? 11.123  -1.698  0.765   1.00 21.46 ? 5   ASP A OD1 1 
ATOM   36  O OD2 . ASP A 1 5  ? 11.411  -1.360  2.913   1.00 17.55 ? 5   ASP A OD2 1 
ATOM   37  N N   . CYS A 1 6  ? 10.719  3.538   0.460   1.00 17.43 ? 6   CYS A N   1 
ATOM   38  C CA  . CYS A 1 6  ? 10.076  4.844   0.320   1.00 19.49 ? 6   CYS A CA  1 
ATOM   39  C C   . CYS A 1 6  ? 10.756  5.681   -0.753  1.00 21.80 ? 6   CYS A C   1 
ATOM   40  O O   . CYS A 1 6  ? 11.982  5.706   -0.851  1.00 22.75 ? 6   CYS A O   1 
ATOM   41  C CB  . CYS A 1 6  ? 10.118  5.616   1.640   1.00 17.70 ? 6   CYS A CB  1 
ATOM   42  S SG  . CYS A 1 6  ? 9.186   4.812   2.975   1.00 14.91 ? 6   CYS A SG  1 
ATOM   43  N N   . GLY A 1 7  ? 9.950   6.376   -1.547  1.00 23.89 ? 7   GLY A N   1 
ATOM   44  C CA  . GLY A 1 7  ? 10.496  7.210   -2.601  1.00 27.12 ? 7   GLY A CA  1 
ATOM   45  C C   . GLY A 1 7  ? 11.081  8.496   -2.058  1.00 28.55 ? 7   GLY A C   1 
ATOM   46  O O   . GLY A 1 7  ? 12.104  8.978   -2.545  1.00 29.97 ? 7   GLY A O   1 
ATOM   47  N N   . SER A 1 8  ? 10.436  9.047   -1.034  1.00 29.26 ? 8   SER A N   1 
ATOM   48  C CA  . SER A 1 8  ? 10.883  10.292  -0.422  1.00 29.95 ? 8   SER A CA  1 
ATOM   49  C C   . SER A 1 8  ? 11.382  10.094  1.004   1.00 28.97 ? 8   SER A C   1 
ATOM   50  O O   . SER A 1 8  ? 10.803  9.332   1.778   1.00 28.18 ? 8   SER A O   1 
ATOM   51  C CB  . SER A 1 8  ? 9.739   11.310  -0.421  1.00 31.48 ? 8   SER A CB  1 
ATOM   52  O OG  . SER A 1 8  ? 10.122  12.506  0.237   1.00 33.28 ? 8   SER A OG  1 
ATOM   53  N N   . PRO A 1 9  ? 12.474  10.784  1.369   1.00 28.34 ? 9   PRO A N   1 
ATOM   54  C CA  . PRO A 1 9  ? 13.060  10.692  2.709   1.00 28.02 ? 9   PRO A CA  1 
ATOM   55  C C   . PRO A 1 9  ? 12.101  11.194  3.788   1.00 26.77 ? 9   PRO A C   1 
ATOM   56  O O   . PRO A 1 9  ? 12.292  10.924  4.974   1.00 27.46 ? 9   PRO A O   1 
ATOM   57  C CB  . PRO A 1 9  ? 14.305  11.571  2.599   1.00 29.16 ? 9   PRO A CB  1 
ATOM   58  C CG  . PRO A 1 9  ? 14.678  11.450  1.153   1.00 28.96 ? 9   PRO A CG  1 
ATOM   59  C CD  . PRO A 1 9  ? 13.343  11.568  0.473   1.00 29.26 ? 9   PRO A CD  1 
ATOM   60  N N   . SER A 1 10 ? 11.072  11.925  3.368   1.00 26.47 ? 10  SER A N   1 
ATOM   61  C CA  . SER A 1 10 ? 10.086  12.472  4.294   1.00 25.60 ? 10  SER A CA  1 
ATOM   62  C C   . SER A 1 10 ? 9.003   11.463  4.663   1.00 23.87 ? 10  SER A C   1 
ATOM   63  O O   . SER A 1 10 ? 8.286   11.651  5.644   1.00 24.35 ? 10  SER A O   1 
ATOM   64  C CB  . SER A 1 10 ? 9.435   13.722  3.695   1.00 26.96 ? 10  SER A CB  1 
ATOM   65  O OG  . SER A 1 10 ? 8.731   13.412  2.505   1.00 31.68 ? 10  SER A OG  1 
ATOM   66  N N   . ASN A 1 11 ? 8.883   10.396  3.874   1.00 21.64 ? 11  ASN A N   1 
ATOM   67  C CA  . ASN A 1 11 ? 7.883   9.363   4.138   1.00 19.98 ? 11  ASN A CA  1 
ATOM   68  C C   . ASN A 1 11 ? 8.160   8.757   5.515   1.00 18.10 ? 11  ASN A C   1 
ATOM   69  O O   . ASN A 1 11 ? 9.199   8.133   5.729   1.00 20.28 ? 11  ASN A O   1 
ATOM   70  C CB  . ASN A 1 11 ? 7.955   8.269   3.067   1.00 18.94 ? 11  ASN A CB  1 
ATOM   71  C CG  . ASN A 1 11 ? 6.734   7.373   3.065   1.00 18.17 ? 11  ASN A CG  1 
ATOM   72  O OD1 . ASN A 1 11 ? 6.174   7.067   4.115   1.00 16.18 ? 11  ASN A OD1 1 
ATOM   73  N ND2 . ASN A 1 11 ? 6.320   6.939   1.880   1.00 14.62 ? 11  ASN A ND2 1 
ATOM   74  N N   . PRO A 1 12 ? 7.226   8.919   6.465   1.00 16.91 ? 12  PRO A N   1 
ATOM   75  C CA  . PRO A 1 12 ? 7.416   8.376   7.813   1.00 16.53 ? 12  PRO A CA  1 
ATOM   76  C C   . PRO A 1 12 ? 7.366   6.855   7.906   1.00 14.49 ? 12  PRO A C   1 
ATOM   77  O O   . PRO A 1 12 ? 7.701   6.279   8.942   1.00 15.24 ? 12  PRO A O   1 
ATOM   78  C CB  . PRO A 1 12 ? 6.292   9.038   8.604   1.00 15.41 ? 12  PRO A CB  1 
ATOM   79  C CG  . PRO A 1 12 ? 5.196   9.114   7.603   1.00 18.34 ? 12  PRO A CG  1 
ATOM   80  C CD  . PRO A 1 12 ? 5.917   9.588   6.349   1.00 17.61 ? 12  PRO A CD  1 
ATOM   81  N N   . CYS A 1 13 ? 6.953   6.203   6.826   1.00 13.50 ? 13  CYS A N   1 
ATOM   82  C CA  . CYS A 1 13 ? 6.854   4.751   6.833   1.00 12.86 ? 13  CYS A CA  1 
ATOM   83  C C   . CYS A 1 13 ? 8.210   4.066   6.827   1.00 13.53 ? 13  CYS A C   1 
ATOM   84  O O   . CYS A 1 13 ? 8.308   2.876   7.112   1.00 14.11 ? 13  CYS A O   1 
ATOM   85  C CB  . CYS A 1 13 ? 6.034   4.270   5.641   1.00 11.96 ? 13  CYS A CB  1 
ATOM   86  S SG  . CYS A 1 13 ? 4.343   4.939   5.574   1.00 14.66 ? 13  CYS A SG  1 
ATOM   87  N N   . CYS A 1 14 ? 9.255   4.820   6.506   1.00 14.99 ? 14  CYS A N   1 
ATOM   88  C CA  . CYS A 1 14 ? 10.599  4.259   6.475   1.00 15.44 ? 14  CYS A CA  1 
ATOM   89  C C   . CYS A 1 14 ? 11.510  4.825   7.539   1.00 17.23 ? 14  CYS A C   1 
ATOM   90  O O   . CYS A 1 14 ? 11.311  5.939   8.019   1.00 19.17 ? 14  CYS A O   1 
ATOM   91  C CB  . CYS A 1 14 ? 11.263  4.503   5.122   1.00 14.22 ? 14  CYS A CB  1 
ATOM   92  S SG  . CYS A 1 14 ? 10.543  3.539   3.769   1.00 15.93 ? 14  CYS A SG  1 
ATOM   93  N N   . ASP A 1 15 ? 12.515  4.035   7.893   1.00 18.31 ? 15  ASP A N   1 
ATOM   94  C CA  . ASP A 1 15 ? 13.517  4.442   8.862   1.00 21.41 ? 15  ASP A CA  1 
ATOM   95  C C   . ASP A 1 15 ? 14.430  5.355   8.047   1.00 23.13 ? 15  ASP A C   1 
ATOM   96  O O   . ASP A 1 15 ? 14.954  4.946   7.011   1.00 21.77 ? 15  ASP A O   1 
ATOM   97  C CB  . ASP A 1 15 ? 14.293  3.219   9.353   1.00 23.42 ? 15  ASP A CB  1 
ATOM   98  C CG  . ASP A 1 15 ? 15.306  3.562   10.426  1.00 26.91 ? 15  ASP A CG  1 
ATOM   99  O OD1 . ASP A 1 15 ? 16.075  4.527   10.235  1.00 30.22 ? 15  ASP A OD1 1 
ATOM   100 O OD2 . ASP A 1 15 ? 15.340  2.860   11.459  1.00 30.66 ? 15  ASP A OD2 1 
ATOM   101 N N   . ALA A 1 16 ? 14.607  6.588   8.508   1.00 23.19 ? 16  ALA A N   1 
ATOM   102 C CA  . ALA A 1 16 ? 15.435  7.560   7.804   1.00 25.55 ? 16  ALA A CA  1 
ATOM   103 C C   . ALA A 1 16 ? 16.833  7.046   7.470   1.00 26.75 ? 16  ALA A C   1 
ATOM   104 O O   . ALA A 1 16 ? 17.383  7.365   6.414   1.00 27.95 ? 16  ALA A O   1 
ATOM   105 C CB  . ALA A 1 16 ? 15.538  8.839   8.625   1.00 26.54 ? 16  ALA A CB  1 
ATOM   106 N N   . ALA A 1 17 ? 17.399  6.243   8.365   1.00 26.81 ? 17  ALA A N   1 
ATOM   107 C CA  . ALA A 1 17 ? 18.743  5.707   8.181   1.00 27.96 ? 17  ALA A CA  1 
ATOM   108 C C   . ALA A 1 17 ? 18.870  4.577   7.158   1.00 27.59 ? 17  ALA A C   1 
ATOM   109 O O   . ALA A 1 17 ? 19.849  4.522   6.416   1.00 28.73 ? 17  ALA A O   1 
ATOM   110 C CB  . ALA A 1 17 ? 19.300  5.246   9.526   1.00 28.33 ? 17  ALA A CB  1 
ATOM   111 N N   . THR A 1 18 ? 17.887  3.681   7.116   1.00 26.66 ? 18  THR A N   1 
ATOM   112 C CA  . THR A 1 18 ? 17.933  2.546   6.196   1.00 25.19 ? 18  THR A CA  1 
ATOM   113 C C   . THR A 1 18 ? 17.153  2.737   4.899   1.00 22.84 ? 18  THR A C   1 
ATOM   114 O O   . THR A 1 18 ? 17.401  2.037   3.920   1.00 21.75 ? 18  THR A O   1 
ATOM   115 C CB  . THR A 1 18 ? 17.388  1.271   6.861   1.00 26.39 ? 18  THR A CB  1 
ATOM   116 O OG1 . THR A 1 18 ? 15.986  1.433   7.110   1.00 28.74 ? 18  THR A OG1 1 
ATOM   117 C CG2 . THR A 1 18 ? 18.102  1.001   8.176   1.00 28.52 ? 18  THR A CG2 1 
ATOM   118 N N   . CYS A 1 19 ? 16.212  3.674   4.907   1.00 20.27 ? 19  CYS A N   1 
ATOM   119 C CA  . CYS A 1 19 ? 15.354  3.963   3.760   1.00 18.62 ? 19  CYS A CA  1 
ATOM   120 C C   . CYS A 1 19 ? 14.423  2.776   3.499   1.00 19.09 ? 19  CYS A C   1 
ATOM   121 O O   . CYS A 1 19 ? 13.822  2.657   2.434   1.00 19.71 ? 19  CYS A O   1 
ATOM   122 C CB  . CYS A 1 19 ? 16.192  4.315   2.513   1.00 19.76 ? 19  CYS A CB  1 
ATOM   123 S SG  . CYS A 1 19 ? 16.745  2.957   1.428   1.00 17.44 ? 19  CYS A SG  1 
ATOM   124 N N   . LYS A 1 20 ? 14.304  1.908   4.498   1.00 19.04 ? 20  LYS A N   1 
ATOM   125 C CA  . LYS A 1 20 ? 13.429  0.740   4.420   1.00 18.54 ? 20  LYS A CA  1 
ATOM   126 C C   . LYS A 1 20 ? 12.328  0.897   5.465   1.00 16.17 ? 20  LYS A C   1 
ATOM   127 O O   . LYS A 1 20 ? 12.468  1.680   6.400   1.00 14.56 ? 20  LYS A O   1 
ATOM   128 C CB  . LYS A 1 20 ? 14.222  -0.540  4.683   1.00 22.76 ? 20  LYS A CB  1 
ATOM   129 C CG  . LYS A 1 20 ? 15.232  -0.861  3.592   1.00 27.16 ? 20  LYS A CG  1 
ATOM   130 C CD  . LYS A 1 20 ? 16.063  -2.080  3.944   1.00 31.80 ? 20  LYS A CD  1 
ATOM   131 C CE  . LYS A 1 20 ? 17.078  -2.372  2.852   1.00 34.19 ? 20  LYS A CE  1 
ATOM   132 N NZ  . LYS A 1 20 ? 17.984  -1.213  2.621   1.00 37.07 ? 20  LYS A NZ  1 
ATOM   133 N N   . LEU A 1 21 ? 11.235  0.156   5.305   1.00 14.78 ? 21  LEU A N   1 
ATOM   134 C CA  . LEU A 1 21 ? 10.117  0.244   6.246   1.00 14.21 ? 21  LEU A CA  1 
ATOM   135 C C   . LEU A 1 21 ? 10.564  0.164   7.701   1.00 14.53 ? 21  LEU A C   1 
ATOM   136 O O   . LEU A 1 21 ? 11.353  -0.704  8.072   1.00 16.54 ? 21  LEU A O   1 
ATOM   137 C CB  . LEU A 1 21 ? 9.105   -0.872  5.977   1.00 14.70 ? 21  LEU A CB  1 
ATOM   138 C CG  . LEU A 1 21 ? 8.390   -0.889  4.627   1.00 13.45 ? 21  LEU A CG  1 
ATOM   139 C CD1 . LEU A 1 21 ? 7.394   -2.031  4.622   1.00 14.98 ? 21  LEU A CD1 1 
ATOM   140 C CD2 . LEU A 1 21 ? 7.669   0.433   4.386   1.00 14.79 ? 21  LEU A CD2 1 
ATOM   141 N N   . ARG A 1 22 ? 10.057  1.077   8.524   1.00 14.92 ? 22  ARG A N   1 
ATOM   142 C CA  . ARG A 1 22 ? 10.404  1.088   9.938   1.00 16.45 ? 22  ARG A CA  1 
ATOM   143 C C   . ARG A 1 22 ? 9.507   0.122   10.701  1.00 17.80 ? 22  ARG A C   1 
ATOM   144 O O   . ARG A 1 22 ? 8.495   -0.341  10.182  1.00 17.78 ? 22  ARG A O   1 
ATOM   145 C CB  . ARG A 1 22 ? 10.234  2.491   10.527  1.00 16.09 ? 22  ARG A CB  1 
ATOM   146 C CG  . ARG A 1 22 ? 8.820   3.036   10.432  1.00 18.19 ? 22  ARG A CG  1 
ATOM   147 C CD  . ARG A 1 22 ? 8.547   3.999   11.574  1.00 19.14 ? 22  ARG A CD  1 
ATOM   148 N NE  . ARG A 1 22 ? 8.424   3.282   12.842  1.00 22.28 ? 22  ARG A NE  1 
ATOM   149 C CZ  . ARG A 1 22 ? 8.426   3.859   14.040  1.00 23.13 ? 22  ARG A CZ  1 
ATOM   150 N NH1 . ARG A 1 22 ? 8.554   5.174   14.152  1.00 21.59 ? 22  ARG A NH1 1 
ATOM   151 N NH2 . ARG A 1 22 ? 8.287   3.117   15.128  1.00 23.77 ? 22  ARG A NH2 1 
ATOM   152 N N   . PRO A 1 23 ? 9.879   -0.205  11.944  1.00 19.91 ? 23  PRO A N   1 
ATOM   153 C CA  . PRO A 1 23 ? 9.059   -1.124  12.737  1.00 20.24 ? 23  PRO A CA  1 
ATOM   154 C C   . PRO A 1 23 ? 7.624   -0.618  12.843  1.00 20.20 ? 23  PRO A C   1 
ATOM   155 O O   . PRO A 1 23 ? 7.387   0.561   13.118  1.00 19.76 ? 23  PRO A O   1 
ATOM   156 C CB  . PRO A 1 23 ? 9.777   -1.138  14.083  1.00 21.36 ? 23  PRO A CB  1 
ATOM   157 C CG  . PRO A 1 23 ? 11.212  -1.007  13.674  1.00 21.11 ? 23  PRO A CG  1 
ATOM   158 C CD  . PRO A 1 23 ? 11.150  0.087   12.629  1.00 21.05 ? 23  PRO A CD  1 
ATOM   159 N N   . GLY A 1 24 ? 6.668   -1.509  12.610  1.00 19.04 ? 24  GLY A N   1 
ATOM   160 C CA  . GLY A 1 24 ? 5.274   -1.122  12.688  1.00 18.81 ? 24  GLY A CA  1 
ATOM   161 C C   . GLY A 1 24 ? 4.662   -0.784  11.344  1.00 17.86 ? 24  GLY A C   1 
ATOM   162 O O   . GLY A 1 24 ? 3.444   -0.749  11.207  1.00 17.95 ? 24  GLY A O   1 
ATOM   163 N N   . ALA A 1 25 ? 5.506   -0.536  10.346  1.00 17.41 ? 25  ALA A N   1 
ATOM   164 C CA  . ALA A 1 25 ? 5.019   -0.204  9.013   1.00 16.11 ? 25  ALA A CA  1 
ATOM   165 C C   . ALA A 1 25 ? 4.890   -1.459  8.159   1.00 16.25 ? 25  ALA A C   1 
ATOM   166 O O   . ALA A 1 25 ? 5.809   -2.274  8.097   1.00 16.16 ? 25  ALA A O   1 
ATOM   167 C CB  . ALA A 1 25 ? 5.964   0.788   8.341   1.00 14.81 ? 25  ALA A CB  1 
ATOM   168 N N   . GLN A 1 26 ? 3.743   -1.614  7.508   1.00 14.68 ? 26  GLN A N   1 
ATOM   169 C CA  . GLN A 1 26 ? 3.510   -2.770  6.650   1.00 16.25 ? 26  GLN A CA  1 
ATOM   170 C C   . GLN A 1 26 ? 3.712   -2.387  5.190   1.00 14.99 ? 26  GLN A C   1 
ATOM   171 O O   . GLN A 1 26 ? 3.967   -3.243  4.345   1.00 15.76 ? 26  GLN A O   1 
ATOM   172 C CB  . GLN A 1 26 ? 2.086   -3.295  6.828   1.00 14.71 ? 26  GLN A CB  1 
ATOM   173 C CG  . GLN A 1 26 ? 1.747   -3.748  8.234   1.00 18.44 ? 26  GLN A CG  1 
ATOM   174 C CD  . GLN A 1 26 ? 0.293   -4.146  8.370   1.00 18.64 ? 26  GLN A CD  1 
ATOM   175 O OE1 . GLN A 1 26 ? -0.605  -3.371  8.046   1.00 17.94 ? 26  GLN A OE1 1 
ATOM   176 N NE2 . GLN A 1 26 ? 0.052   -5.358  8.858   1.00 19.90 ? 26  GLN A NE2 1 
ATOM   177 N N   . CYS A 1 27 ? 3.597   -1.094  4.902   1.00 14.54 ? 27  CYS A N   1 
ATOM   178 C CA  . CYS A 1 27 ? 3.742   -0.587  3.541   1.00 12.71 ? 27  CYS A CA  1 
ATOM   179 C C   . CYS A 1 27 ? 4.093   0.903   3.569   1.00 12.90 ? 27  CYS A C   1 
ATOM   180 O O   . CYS A 1 27 ? 3.995   1.546   4.612   1.00 12.24 ? 27  CYS A O   1 
ATOM   181 C CB  . CYS A 1 27 ? 2.430   -0.813  2.775   1.00 12.07 ? 27  CYS A CB  1 
ATOM   182 S SG  . CYS A 1 27 ? 0.964   -0.200  3.673   1.00 13.55 ? 27  CYS A SG  1 
ATOM   183 N N   . ALA A 1 28 ? 4.498   1.448   2.425   1.00 13.10 ? 28  ALA A N   1 
ATOM   184 C CA  . ALA A 1 28 ? 4.870   2.859   2.345   1.00 15.18 ? 28  ALA A CA  1 
ATOM   185 C C   . ALA A 1 28 ? 4.092   3.593   1.262   1.00 16.01 ? 28  ALA A C   1 
ATOM   186 O O   . ALA A 1 28 ? 4.080   4.825   1.213   1.00 17.58 ? 28  ALA A O   1 
ATOM   187 C CB  . ALA A 1 28 ? 6.363   2.984   2.081   1.00 14.55 ? 28  ALA A CB  1 
ATOM   188 N N   . ASP A 1 29 ? 3.446   2.823   0.393   1.00 15.50 ? 29  ASP A N   1 
ATOM   189 C CA  . ASP A 1 29 ? 2.669   3.373   -0.705  1.00 16.01 ? 29  ASP A CA  1 
ATOM   190 C C   . ASP A 1 29 ? 1.727   2.306   -1.242  1.00 16.15 ? 29  ASP A C   1 
ATOM   191 O O   . ASP A 1 29 ? 1.738   1.167   -0.774  1.00 16.24 ? 29  ASP A O   1 
ATOM   192 C CB  . ASP A 1 29 ? 3.607   3.857   -1.815  1.00 19.36 ? 29  ASP A CB  1 
ATOM   193 C CG  . ASP A 1 29 ? 4.662   2.826   -2.174  1.00 23.37 ? 29  ASP A CG  1 
ATOM   194 O OD1 . ASP A 1 29 ? 4.292   1.734   -2.648  1.00 23.35 ? 29  ASP A OD1 1 
ATOM   195 O OD2 . ASP A 1 29 ? 5.865   3.108   -1.974  1.00 26.46 ? 29  ASP A OD2 1 
ATOM   196 N N   . GLY A 1 30 ? 0.913   2.678   -2.223  1.00 16.04 ? 30  GLY A N   1 
ATOM   197 C CA  . GLY A 1 30 ? -0.024  1.728   -2.790  1.00 14.83 ? 30  GLY A CA  1 
ATOM   198 C C   . GLY A 1 30 ? -1.464  2.100   -2.489  1.00 14.58 ? 30  GLY A C   1 
ATOM   199 O O   . GLY A 1 30 ? -1.757  2.730   -1.468  1.00 13.33 ? 30  GLY A O   1 
ATOM   200 N N   . LEU A 1 31 ? -2.364  1.707   -3.381  1.00 14.54 ? 31  LEU A N   1 
ATOM   201 C CA  . LEU A 1 31 ? -3.785  1.998   -3.226  1.00 13.21 ? 31  LEU A CA  1 
ATOM   202 C C   . LEU A 1 31 ? -4.387  1.431   -1.948  1.00 12.77 ? 31  LEU A C   1 
ATOM   203 O O   . LEU A 1 31 ? -5.356  1.976   -1.416  1.00 12.99 ? 31  LEU A O   1 
ATOM   204 C CB  . LEU A 1 31 ? -4.561  1.472   -4.432  1.00 14.09 ? 31  LEU A CB  1 
ATOM   205 C CG  . LEU A 1 31 ? -4.398  2.279   -5.722  1.00 14.82 ? 31  LEU A CG  1 
ATOM   206 C CD1 . LEU A 1 31 ? -5.034  1.533   -6.878  1.00 14.19 ? 31  LEU A CD1 1 
ATOM   207 C CD2 . LEU A 1 31 ? -5.032  3.651   -5.544  1.00 16.05 ? 31  LEU A CD2 1 
ATOM   208 N N   . CYS A 1 32 ? -3.816  0.339   -1.455  1.00 10.22 ? 32  CYS A N   1 
ATOM   209 C CA  . CYS A 1 32 ? -4.317  -0.277  -0.240  1.00 11.00 ? 32  CYS A CA  1 
ATOM   210 C C   . CYS A 1 32 ? -3.395  -0.063  0.953   1.00 11.11 ? 32  CYS A C   1 
ATOM   211 O O   . CYS A 1 32 ? -3.327  -0.890  1.862   1.00 13.52 ? 32  CYS A O   1 
ATOM   212 C CB  . CYS A 1 32 ? -4.571  -1.767  -0.476  1.00 11.35 ? 32  CYS A CB  1 
ATOM   213 S SG  . CYS A 1 32 ? -5.988  -2.042  -1.583  1.00 13.11 ? 32  CYS A SG  1 
ATOM   214 N N   . CYS A 1 33 ? -2.682  1.060   0.942   1.00 11.80 ? 33  CYS A N   1 
ATOM   215 C CA  . CYS A 1 33 ? -1.804  1.408   2.047   1.00 13.40 ? 33  CYS A CA  1 
ATOM   216 C C   . CYS A 1 33 ? -2.264  2.743   2.610   1.00 13.57 ? 33  CYS A C   1 
ATOM   217 O O   . CYS A 1 33 ? -2.478  3.697   1.865   1.00 14.43 ? 33  CYS A O   1 
ATOM   218 C CB  . CYS A 1 33 ? -0.349  1.530   1.595   1.00 13.44 ? 33  CYS A CB  1 
ATOM   219 S SG  . CYS A 1 33 ? 0.784   1.713   3.010   1.00 12.28 ? 33  CYS A SG  1 
ATOM   220 N N   . ASP A 1 34 ? -2.434  2.802   3.922   1.00 13.64 ? 34  ASP A N   1 
ATOM   221 C CA  . ASP A 1 34 ? -2.857  4.031   4.574   1.00 15.56 ? 34  ASP A CA  1 
ATOM   222 C C   . ASP A 1 34 ? -2.160  4.128   5.917   1.00 15.12 ? 34  ASP A C   1 
ATOM   223 O O   . ASP A 1 34 ? -2.250  3.222   6.746   1.00 15.77 ? 34  ASP A O   1 
ATOM   224 C CB  . ASP A 1 34 ? -4.381  4.049   4.746   1.00 16.91 ? 34  ASP A CB  1 
ATOM   225 C CG  . ASP A 1 34 ? -4.893  5.369   5.299   1.00 22.70 ? 34  ASP A CG  1 
ATOM   226 O OD1 . ASP A 1 34 ? -4.327  6.427   4.950   1.00 21.24 ? 34  ASP A OD1 1 
ATOM   227 O OD2 . ASP A 1 34 ? -5.874  5.347   6.071   1.00 25.39 ? 34  ASP A OD2 1 
ATOM   228 N N   . GLN A 1 35 ? -1.443  5.229   6.114   1.00 16.77 ? 35  GLN A N   1 
ATOM   229 C CA  . GLN A 1 35 ? -0.706  5.454   7.346   1.00 18.06 ? 35  GLN A CA  1 
ATOM   230 C C   . GLN A 1 35 ? 0.276   4.316   7.597   1.00 15.97 ? 35  GLN A C   1 
ATOM   231 O O   . GLN A 1 35 ? 0.462   3.885   8.733   1.00 15.57 ? 35  GLN A O   1 
ATOM   232 C CB  . GLN A 1 35 ? -1.676  5.582   8.521   1.00 20.54 ? 35  GLN A CB  1 
ATOM   233 C CG  . GLN A 1 35 ? -2.675  6.710   8.353   1.00 26.07 ? 35  GLN A CG  1 
ATOM   234 C CD  . GLN A 1 35 ? -3.644  6.805   9.511   1.00 30.97 ? 35  GLN A CD  1 
ATOM   235 O OE1 . GLN A 1 35 ? -4.402  5.871   9.782   1.00 33.74 ? 35  GLN A OE1 1 
ATOM   236 N NE2 . GLN A 1 35 ? -3.629  7.937   10.199  1.00 32.89 ? 35  GLN A NE2 1 
ATOM   237 N N   . CYS A 1 36 ? 0.893   3.836   6.519   1.00 15.50 ? 36  CYS A N   1 
ATOM   238 C CA  . CYS A 1 36 ? 1.880   2.760   6.582   1.00 14.18 ? 36  CYS A CA  1 
ATOM   239 C C   . CYS A 1 36 ? 1.300   1.401   6.949   1.00 14.71 ? 36  CYS A C   1 
ATOM   240 O O   . CYS A 1 36 ? 2.042   0.480   7.290   1.00 13.63 ? 36  CYS A O   1 
ATOM   241 C CB  . CYS A 1 36 ? 2.980   3.102   7.589   1.00 14.82 ? 36  CYS A CB  1 
ATOM   242 S SG  . CYS A 1 36 ? 3.664   4.785   7.481   1.00 14.44 ? 36  CYS A SG  1 
ATOM   243 N N   . ARG A 1 37 ? -0.021  1.278   6.886   1.00 12.79 ? 37  ARG A N   1 
ATOM   244 C CA  . ARG A 1 37 ? -0.687  0.026   7.233   1.00 15.00 ? 37  ARG A CA  1 
ATOM   245 C C   . ARG A 1 37 ? -1.551  -0.452  6.079   1.00 14.58 ? 37  ARG A C   1 
ATOM   246 O O   . ARG A 1 37 ? -2.049  0.358   5.299   1.00 14.05 ? 37  ARG A O   1 
ATOM   247 C CB  . ARG A 1 37 ? -1.582  0.235   8.459   1.00 16.14 ? 37  ARG A CB  1 
ATOM   248 C CG  . ARG A 1 37 ? -0.858  0.745   9.694   1.00 17.39 ? 37  ARG A CG  1 
ATOM   249 C CD  . ARG A 1 37 ? 0.094   -0.294  10.241  1.00 20.57 ? 37  ARG A CD  1 
ATOM   250 N NE  . ARG A 1 37 ? -0.614  -1.467  10.751  1.00 22.81 ? 37  ARG A NE  1 
ATOM   251 C CZ  . ARG A 1 37 ? -0.015  -2.558  11.219  1.00 22.81 ? 37  ARG A CZ  1 
ATOM   252 N NH1 . ARG A 1 37 ? 1.308   -2.633  11.243  1.00 23.36 ? 37  ARG A NH1 1 
ATOM   253 N NH2 . ARG A 1 37 ? -0.741  -3.576  11.662  1.00 25.08 ? 37  ARG A NH2 1 
ATOM   254 N N   . PHE A 1 38 ? -1.734  -1.765  5.965   1.00 14.40 ? 38  PHE A N   1 
ATOM   255 C CA  . PHE A 1 38 ? -2.586  -2.295  4.907   1.00 14.50 ? 38  PHE A CA  1 
ATOM   256 C C   . PHE A 1 38 ? -4.004  -1.843  5.241   1.00 13.49 ? 38  PHE A C   1 
ATOM   257 O O   . PHE A 1 38 ? -4.423  -1.916  6.399   1.00 14.54 ? 38  PHE A O   1 
ATOM   258 C CB  . PHE A 1 38 ? -2.559  -3.829  4.875   1.00 15.32 ? 38  PHE A CB  1 
ATOM   259 C CG  . PHE A 1 38 ? -1.208  -4.419  4.578   1.00 15.38 ? 38  PHE A CG  1 
ATOM   260 C CD1 . PHE A 1 38 ? -0.428  -3.936  3.531   1.00 15.57 ? 38  PHE A CD1 1 
ATOM   261 C CD2 . PHE A 1 38 ? -0.733  -5.495  5.322   1.00 17.55 ? 38  PHE A CD2 1 
ATOM   262 C CE1 . PHE A 1 38 ? 0.801   -4.519  3.226   1.00 15.57 ? 38  PHE A CE1 1 
ATOM   263 C CE2 . PHE A 1 38 ? 0.495   -6.085  5.026   1.00 17.58 ? 38  PHE A CE2 1 
ATOM   264 C CZ  . PHE A 1 38 ? 1.264   -5.597  3.978   1.00 16.52 ? 38  PHE A CZ  1 
ATOM   265 N N   . LYS A 1 39 ? -4.740  -1.363  4.244   1.00 13.58 ? 39  LYS A N   1 
ATOM   266 C CA  . LYS A 1 39 ? -6.109  -0.930  4.494   1.00 13.73 ? 39  LYS A CA  1 
ATOM   267 C C   . LYS A 1 39 ? -6.979  -2.157  4.745   1.00 17.18 ? 39  LYS A C   1 
ATOM   268 O O   . LYS A 1 39 ? -6.663  -3.258  4.295   1.00 15.89 ? 39  LYS A O   1 
ATOM   269 C CB  . LYS A 1 39 ? -6.650  -0.107  3.320   1.00 14.20 ? 39  LYS A CB  1 
ATOM   270 C CG  . LYS A 1 39 ? -5.922  1.217   3.121   1.00 14.46 ? 39  LYS A CG  1 
ATOM   271 C CD  . LYS A 1 39 ? -6.737  2.199   2.282   1.00 13.34 ? 39  LYS A CD  1 
ATOM   272 C CE  . LYS A 1 39 ? -7.924  2.748   3.067   1.00 17.47 ? 39  LYS A CE  1 
ATOM   273 N NZ  . LYS A 1 39 ? -8.698  3.776   2.298   1.00 17.05 ? 39  LYS A NZ  1 
ATOM   274 N N   . LYS A 1 40 ? -8.068  -1.958  5.479   1.00 18.03 ? 40  LYS A N   1 
ATOM   275 C CA  . LYS A 1 40 ? -8.981  -3.042  5.825   1.00 20.24 ? 40  LYS A CA  1 
ATOM   276 C C   . LYS A 1 40 ? -9.546  -3.798  4.626   1.00 19.97 ? 40  LYS A C   1 
ATOM   277 O O   . LYS A 1 40 ? -9.826  -3.218  3.575   1.00 17.99 ? 40  LYS A O   1 
ATOM   278 C CB  . LYS A 1 40 ? -10.131 -2.492  6.673   1.00 23.40 ? 40  LYS A CB  1 
ATOM   279 C CG  . LYS A 1 40 ? -11.082 -3.554  7.203   1.00 28.17 ? 40  LYS A CG  1 
ATOM   280 C CD  . LYS A 1 40 ? -12.132 -2.952  8.131   1.00 30.62 ? 40  LYS A CD  1 
ATOM   281 C CE  . LYS A 1 40 ? -13.013 -1.946  7.403   1.00 32.61 ? 40  LYS A CE  1 
ATOM   282 N NZ  . LYS A 1 40 ? -14.045 -1.357  8.299   1.00 34.21 ? 40  LYS A NZ  1 
ATOM   283 N N   . LYS A 1 41 ? -9.716  -5.105  4.799   1.00 19.51 ? 41  LYS A N   1 
ATOM   284 C CA  . LYS A 1 41 ? -10.260 -5.953  3.749   1.00 19.72 ? 41  LYS A CA  1 
ATOM   285 C C   . LYS A 1 41 ? -11.592 -5.386  3.265   1.00 18.49 ? 41  LYS A C   1 
ATOM   286 O O   . LYS A 1 41 ? -12.375 -4.855  4.058   1.00 18.59 ? 41  LYS A O   1 
ATOM   287 C CB  . LYS A 1 41 ? -10.464 -7.376  4.283   1.00 22.38 ? 41  LYS A CB  1 
ATOM   288 C CG  . LYS A 1 41 ? -10.991 -8.371  3.261   1.00 24.55 ? 41  LYS A CG  1 
ATOM   289 C CD  . LYS A 1 41 ? -11.039 -9.777  3.849   1.00 28.68 ? 41  LYS A CD  1 
ATOM   290 C CE  . LYS A 1 41 ? -11.438 -10.809 2.806   1.00 30.83 ? 41  LYS A CE  1 
ATOM   291 N NZ  . LYS A 1 41 ? -11.432 -12.191 3.366   1.00 34.53 ? 41  LYS A NZ  1 
ATOM   292 N N   . ARG A 1 42 ? -11.822 -5.495  1.959   1.00 18.55 ? 42  ARG A N   1 
ATOM   293 C CA  . ARG A 1 42 ? -13.036 -5.028  1.293   1.00 17.72 ? 42  ARG A CA  1 
ATOM   294 C C   . ARG A 1 42 ? -13.070 -3.541  0.954   1.00 17.25 ? 42  ARG A C   1 
ATOM   295 O O   . ARG A 1 42 ? -14.006 -3.071  0.317   1.00 15.56 ? 42  ARG A O   1 
ATOM   296 C CB  . ARG A 1 42 ? -14.278 -5.426  2.101   1.00 21.93 ? 42  ARG A CB  1 
ATOM   297 C CG  . ARG A 1 42 ? -14.535 -6.924  2.050   1.00 26.57 ? 42  ARG A CG  1 
ATOM   298 C CD  . ARG A 1 42 ? -15.806 -7.326  2.777   1.00 32.37 ? 42  ARG A CD  1 
ATOM   299 N NE  . ARG A 1 42 ? -16.173 -8.710  2.481   1.00 35.75 ? 42  ARG A NE  1 
ATOM   300 C CZ  . ARG A 1 42 ? -15.405 -9.766  2.742   1.00 37.25 ? 42  ARG A CZ  1 
ATOM   301 N NH1 . ARG A 1 42 ? -14.218 -9.604  3.308   1.00 40.09 ? 42  ARG A NH1 1 
ATOM   302 N NH2 . ARG A 1 42 ? -15.826 -10.987 2.433   1.00 37.62 ? 42  ARG A NH2 1 
ATOM   303 N N   . THR A 1 43 ? -12.046 -2.806  1.370   1.00 15.87 ? 43  THR A N   1 
ATOM   304 C CA  . THR A 1 43 ? -11.968 -1.381  1.061   1.00 15.57 ? 43  THR A CA  1 
ATOM   305 C C   . THR A 1 43 ? -11.956 -1.226  -0.459  1.00 14.45 ? 43  THR A C   1 
ATOM   306 O O   . THR A 1 43 ? -11.114 -1.817  -1.127  1.00 13.69 ? 43  THR A O   1 
ATOM   307 C CB  . THR A 1 43 ? -10.662 -0.765  1.608   1.00 15.46 ? 43  THR A CB  1 
ATOM   308 O OG1 . THR A 1 43 ? -10.672 -0.802  3.038   1.00 17.39 ? 43  THR A OG1 1 
ATOM   309 C CG2 . THR A 1 43 ? -10.510 0.678   1.139   1.00 17.61 ? 43  THR A CG2 1 
ATOM   310 N N   . ILE A 1 44 ? -12.876 -0.437  -1.008  1.00 15.00 ? 44  ILE A N   1 
ATOM   311 C CA  . ILE A 1 44 ? -12.901 -0.242  -2.457  1.00 13.64 ? 44  ILE A CA  1 
ATOM   312 C C   . ILE A 1 44 ? -11.665 0.562   -2.851  1.00 14.34 ? 44  ILE A C   1 
ATOM   313 O O   . ILE A 1 44 ? -11.452 1.673   -2.366  1.00 13.91 ? 44  ILE A O   1 
ATOM   314 C CB  . ILE A 1 44 ? -14.168 0.512   -2.917  1.00 14.27 ? 44  ILE A CB  1 
ATOM   315 C CG1 . ILE A 1 44 ? -15.421 -0.272  -2.514  1.00 15.47 ? 44  ILE A CG1 1 
ATOM   316 C CG2 . ILE A 1 44 ? -14.145 0.677   -4.431  1.00 15.56 ? 44  ILE A CG2 1 
ATOM   317 C CD1 . ILE A 1 44 ? -16.727 0.400   -2.903  1.00 15.57 ? 44  ILE A CD1 1 
ATOM   318 N N   . CYS A 1 45 ? -10.847 0.005   -3.736  1.00 13.92 ? 45  CYS A N   1 
ATOM   319 C CA  . CYS A 1 45 ? -9.625  0.694   -4.127  1.00 12.92 ? 45  CYS A CA  1 
ATOM   320 C C   . CYS A 1 45 ? -9.476  1.033   -5.604  1.00 13.49 ? 45  CYS A C   1 
ATOM   321 O O   . CYS A 1 45 ? -8.539  1.732   -5.990  1.00 14.17 ? 45  CYS A O   1 
ATOM   322 C CB  . CYS A 1 45 ? -8.415  -0.100  -3.638  1.00 13.35 ? 45  CYS A CB  1 
ATOM   323 S SG  . CYS A 1 45 ? -8.423  -1.886  -4.007  1.00 14.41 ? 45  CYS A SG  1 
ATOM   324 N N   . ARG A 1 46 ? -10.393 0.541   -6.431  1.00 13.48 ? 46  ARG A N   1 
ATOM   325 C CA  . ARG A 1 46 ? -10.365 0.845   -7.856  1.00 13.92 ? 46  ARG A CA  1 
ATOM   326 C C   . ARG A 1 46 ? -11.760 0.709   -8.450  1.00 12.65 ? 46  ARG A C   1 
ATOM   327 O O   . ARG A 1 46 ? -12.465 -0.263  -8.190  1.00 14.02 ? 46  ARG A O   1 
ATOM   328 C CB  . ARG A 1 46 ? -9.398  -0.075  -8.615  1.00 15.11 ? 46  ARG A CB  1 
ATOM   329 C CG  . ARG A 1 46 ? -9.207  0.349   -10.074 1.00 16.59 ? 46  ARG A CG  1 
ATOM   330 C CD  . ARG A 1 46 ? -8.306  -0.589  -10.878 1.00 17.01 ? 46  ARG A CD  1 
ATOM   331 N NE  . ARG A 1 46 ? -6.926  -0.612  -10.397 1.00 18.93 ? 46  ARG A NE  1 
ATOM   332 C CZ  . ARG A 1 46 ? -6.433  -1.533  -9.576  1.00 17.38 ? 46  ARG A CZ  1 
ATOM   333 N NH1 . ARG A 1 46 ? -7.205  -2.516  -9.141  1.00 17.82 ? 46  ARG A NH1 1 
ATOM   334 N NH2 . ARG A 1 46 ? -5.167  -1.467  -9.191  1.00 19.57 ? 46  ARG A NH2 1 
ATOM   335 N N   . ILE A 1 47 ? -12.163 1.703   -9.229  1.00 14.05 ? 47  ILE A N   1 
ATOM   336 C CA  . ILE A 1 47 ? -13.465 1.672   -9.873  1.00 14.61 ? 47  ILE A CA  1 
ATOM   337 C C   . ILE A 1 47 ? -13.242 1.019   -11.226 1.00 15.58 ? 47  ILE A C   1 
ATOM   338 O O   . ILE A 1 47 ? -12.508 1.538   -12.064 1.00 16.65 ? 47  ILE A O   1 
ATOM   339 C CB  . ILE A 1 47 ? -14.040 3.094   -10.067 1.00 15.70 ? 47  ILE A CB  1 
ATOM   340 C CG1 . ILE A 1 47 ? -14.202 3.775   -8.702  1.00 15.82 ? 47  ILE A CG1 1 
ATOM   341 C CG2 . ILE A 1 47 ? -15.384 3.026   -10.790 1.00 15.91 ? 47  ILE A CG2 1 
ATOM   342 C CD1 . ILE A 1 47 ? -15.095 3.022   -7.733  1.00 17.48 ? 47  ILE A CD1 1 
ATOM   343 N N   . ALA A 1 48 ? -13.864 -0.135  -11.429 1.00 15.27 ? 48  ALA A N   1 
ATOM   344 C CA  . ALA A 1 48 ? -13.706 -0.851  -12.685 1.00 16.01 ? 48  ALA A CA  1 
ATOM   345 C C   . ALA A 1 48 ? -14.441 -0.153  -13.818 1.00 16.28 ? 48  ALA A C   1 
ATOM   346 O O   . ALA A 1 48 ? -15.468 0.490   -13.604 1.00 16.68 ? 48  ALA A O   1 
ATOM   347 C CB  . ALA A 1 48 ? -14.217 -2.282  -12.533 1.00 15.28 ? 48  ALA A CB  1 
ATOM   348 N N   . ARG A 1 49 ? -13.901 -0.259  -15.026 1.00 18.51 ? 49  ARG A N   1 
ATOM   349 C CA  . ARG A 1 49 ? -14.561 0.342   -16.171 1.00 19.82 ? 49  ARG A CA  1 
ATOM   350 C C   . ARG A 1 49 ? -15.587 -0.683  -16.644 1.00 19.16 ? 49  ARG A C   1 
ATOM   351 O O   . ARG A 1 49 ? -15.329 -1.889  -16.615 1.00 19.09 ? 49  ARG A O   1 
ATOM   352 C CB  . ARG A 1 49 ? -13.554 0.672   -17.280 1.00 22.89 ? 49  ARG A CB  1 
ATOM   353 C CG  . ARG A 1 49 ? -12.748 -0.499  -17.802 1.00 27.37 ? 49  ARG A CG  1 
ATOM   354 C CD  . ARG A 1 49 ? -11.839 -0.034  -18.931 1.00 29.03 ? 49  ARG A CD  1 
ATOM   355 N NE  . ARG A 1 49 ? -11.074 -1.127  -19.522 1.00 31.25 ? 49  ARG A NE  1 
ATOM   356 C CZ  . ARG A 1 49 ? -10.345 -1.007  -20.626 1.00 31.79 ? 49  ARG A CZ  1 
ATOM   357 N NH1 . ARG A 1 49 ? -10.285 0.158   -21.257 1.00 31.42 ? 49  ARG A NH1 1 
ATOM   358 N NH2 . ARG A 1 49 ? -9.680  -2.052  -21.103 1.00 31.72 ? 49  ARG A NH2 1 
ATOM   359 N N   . GLY A 1 50 ? -16.755 -0.207  -17.051 1.00 17.51 ? 50  GLY A N   1 
ATOM   360 C CA  . GLY A 1 50 ? -17.796 -1.115  -17.494 1.00 18.00 ? 50  GLY A CA  1 
ATOM   361 C C   . GLY A 1 50 ? -18.515 -1.704  -16.297 1.00 17.63 ? 50  GLY A C   1 
ATOM   362 O O   . GLY A 1 50 ? -18.226 -1.344  -15.153 1.00 18.15 ? 50  GLY A O   1 
ATOM   363 N N   . ASP A 1 51 ? -19.450 -2.613  -16.549 1.00 18.33 ? 51  ASP A N   1 
ATOM   364 C CA  . ASP A 1 51 ? -20.201 -3.227  -15.464 1.00 19.66 ? 51  ASP A CA  1 
ATOM   365 C C   . ASP A 1 51 ? -19.498 -4.439  -14.882 1.00 19.26 ? 51  ASP A C   1 
ATOM   366 O O   . ASP A 1 51 ? -19.947 -5.578  -15.035 1.00 22.03 ? 51  ASP A O   1 
ATOM   367 C CB  . ASP A 1 51 ? -21.604 -3.610  -15.928 1.00 23.89 ? 51  ASP A CB  1 
ATOM   368 C CG  . ASP A 1 51 ? -22.420 -2.410  -16.355 1.00 26.82 ? 51  ASP A CG  1 
ATOM   369 O OD1 . ASP A 1 51 ? -22.262 -1.333  -15.743 1.00 29.05 ? 51  ASP A OD1 1 
ATOM   370 O OD2 . ASP A 1 51 ? -23.228 -2.544  -17.297 1.00 31.48 ? 51  ASP A OD2 1 
ATOM   371 N N   . PHE A 1 52 ? -18.378 -4.179  -14.225 1.00 15.71 ? 52  PHE A N   1 
ATOM   372 C CA  . PHE A 1 52 ? -17.599 -5.222  -13.582 1.00 12.96 ? 52  PHE A CA  1 
ATOM   373 C C   . PHE A 1 52 ? -17.410 -4.807  -12.134 1.00 13.50 ? 52  PHE A C   1 
ATOM   374 O O   . PHE A 1 52 ? -17.469 -3.622  -11.808 1.00 14.16 ? 52  PHE A O   1 
ATOM   375 C CB  . PHE A 1 52 ? -16.254 -5.382  -14.286 1.00 13.49 ? 52  PHE A CB  1 
ATOM   376 C CG  . PHE A 1 52 ? -16.366 -6.010  -15.641 1.00 14.15 ? 52  PHE A CG  1 
ATOM   377 C CD1 . PHE A 1 52 ? -16.507 -7.389  -15.768 1.00 16.76 ? 52  PHE A CD1 1 
ATOM   378 C CD2 . PHE A 1 52 ? -16.377 -5.225  -16.787 1.00 14.60 ? 52  PHE A CD2 1 
ATOM   379 C CE1 . PHE A 1 52 ? -16.659 -7.979  -17.022 1.00 19.24 ? 52  PHE A CE1 1 
ATOM   380 C CE2 . PHE A 1 52 ? -16.529 -5.805  -18.048 1.00 16.50 ? 52  PHE A CE2 1 
ATOM   381 C CZ  . PHE A 1 52 ? -16.671 -7.185  -18.162 1.00 17.33 ? 52  PHE A CZ  1 
ATOM   382 N N   . PRO A 1 53 ? -17.193 -5.780  -11.241 1.00 13.99 ? 53  PRO A N   1 
ATOM   383 C CA  . PRO A 1 53 ? -17.004 -5.478  -9.820  1.00 14.13 ? 53  PRO A CA  1 
ATOM   384 C C   . PRO A 1 53 ? -15.834 -4.537  -9.555  1.00 13.28 ? 53  PRO A C   1 
ATOM   385 O O   . PRO A 1 53 ? -14.760 -4.689  -10.140 1.00 13.00 ? 53  PRO A O   1 
ATOM   386 C CB  . PRO A 1 53 ? -16.764 -6.855  -9.201  1.00 14.95 ? 53  PRO A CB  1 
ATOM   387 C CG  . PRO A 1 53 ? -17.493 -7.787  -10.130 1.00 15.21 ? 53  PRO A CG  1 
ATOM   388 C CD  . PRO A 1 53 ? -17.139 -7.231  -11.482 1.00 15.32 ? 53  PRO A CD  1 
ATOM   389 N N   . ASP A 1 54 ? -16.050 -3.560  -8.679  1.00 11.88 ? 54  ASP A N   1 
ATOM   390 C CA  . ASP A 1 54 ? -14.980 -2.641  -8.312  1.00 13.97 ? 54  ASP A CA  1 
ATOM   391 C C   . ASP A 1 54 ? -13.973 -3.464  -7.512  1.00 14.50 ? 54  ASP A C   1 
ATOM   392 O O   . ASP A 1 54 ? -14.350 -4.414  -6.823  1.00 14.01 ? 54  ASP A O   1 
ATOM   393 C CB  . ASP A 1 54 ? -15.508 -1.495  -7.440  1.00 13.17 ? 54  ASP A CB  1 
ATOM   394 C CG  . ASP A 1 54 ? -16.362 -0.512  -8.219  1.00 13.87 ? 54  ASP A CG  1 
ATOM   395 O OD1 . ASP A 1 54 ? -16.099 -0.308  -9.425  1.00 11.40 ? 54  ASP A OD1 1 
ATOM   396 O OD2 . ASP A 1 54 ? -17.293 0.072   -7.623  1.00 15.00 ? 54  ASP A OD2 1 
ATOM   397 N N   . ASP A 1 55 ? -12.698 -3.105  -7.605  1.00 13.82 ? 55  ASP A N   1 
ATOM   398 C CA  . ASP A 1 55 ? -11.654 -3.834  -6.891  1.00 15.25 ? 55  ASP A CA  1 
ATOM   399 C C   . ASP A 1 55 ? -11.599 -3.420  -5.423  1.00 16.04 ? 55  ASP A C   1 
ATOM   400 O O   . ASP A 1 55 ? -11.835 -2.261  -5.091  1.00 15.17 ? 55  ASP A O   1 
ATOM   401 C CB  . ASP A 1 55 ? -10.303 -3.600  -7.571  1.00 15.66 ? 55  ASP A CB  1 
ATOM   402 C CG  . ASP A 1 55 ? -10.322 -3.975  -9.047  1.00 17.30 ? 55  ASP A CG  1 
ATOM   403 O OD1 . ASP A 1 55 ? -10.854 -5.054  -9.375  1.00 20.44 ? 55  ASP A OD1 1 
ATOM   404 O OD2 . ASP A 1 55 ? -9.806  -3.199  -9.876  1.00 19.92 ? 55  ASP A OD2 1 
ATOM   405 N N   . ARG A 1 56 ? -11.288 -4.374  -4.548  1.00 15.36 ? 56  ARG A N   1 
ATOM   406 C CA  . ARG A 1 56 ? -11.227 -4.110  -3.113  1.00 14.80 ? 56  ARG A CA  1 
ATOM   407 C C   . ARG A 1 56 ? -9.952  -4.645  -2.478  1.00 15.30 ? 56  ARG A C   1 
ATOM   408 O O   . ARG A 1 56 ? -9.373  -5.625  -2.951  1.00 14.29 ? 56  ARG A O   1 
ATOM   409 C CB  . ARG A 1 56 ? -12.437 -4.740  -2.425  1.00 16.88 ? 56  ARG A CB  1 
ATOM   410 C CG  . ARG A 1 56 ? -13.768 -4.188  -2.895  1.00 15.87 ? 56  ARG A CG  1 
ATOM   411 C CD  . ARG A 1 56 ? -14.915 -5.065  -2.421  1.00 18.15 ? 56  ARG A CD  1 
ATOM   412 N NE  . ARG A 1 56 ? -16.220 -4.559  -2.839  1.00 15.98 ? 56  ARG A NE  1 
ATOM   413 C CZ  . ARG A 1 56 ? -16.934 -3.662  -2.164  1.00 17.08 ? 56  ARG A CZ  1 
ATOM   414 N NH1 . ARG A 1 56 ? -16.477 -3.155  -1.025  1.00 15.21 ? 56  ARG A NH1 1 
ATOM   415 N NH2 . ARG A 1 56 ? -18.117 -3.278  -2.626  1.00 18.37 ? 56  ARG A NH2 1 
ATOM   416 N N   . CYS A 1 57 ? -9.524  -4.000  -1.395  1.00 14.52 ? 57  CYS A N   1 
ATOM   417 C CA  . CYS A 1 57 ? -8.314  -4.408  -0.691  1.00 14.99 ? 57  CYS A CA  1 
ATOM   418 C C   . CYS A 1 57 ? -8.513  -5.758  -0.010  1.00 15.89 ? 57  CYS A C   1 
ATOM   419 O O   . CYS A 1 57 ? -9.624  -6.112  0.374   1.00 16.57 ? 57  CYS A O   1 
ATOM   420 C CB  . CYS A 1 57 ? -7.921  -3.357  0.346   1.00 14.78 ? 57  CYS A CB  1 
ATOM   421 S SG  . CYS A 1 57 ? -7.583  -1.713  -0.367  1.00 12.59 ? 57  CYS A SG  1 
ATOM   422 N N   . THR A 1 58 ? -7.425  -6.502  0.141   1.00 16.40 ? 58  THR A N   1 
ATOM   423 C CA  . THR A 1 58 ? -7.472  -7.823  0.758   1.00 19.00 ? 58  THR A CA  1 
ATOM   424 C C   . THR A 1 58 ? -7.242  -7.759  2.261   1.00 18.88 ? 58  THR A C   1 
ATOM   425 O O   . THR A 1 58 ? -7.599  -8.685  2.993   1.00 20.14 ? 58  THR A O   1 
ATOM   426 C CB  . THR A 1 58 ? -6.386  -8.735  0.179   1.00 17.90 ? 58  THR A CB  1 
ATOM   427 O OG1 . THR A 1 58 ? -5.105  -8.277  0.627   1.00 19.50 ? 58  THR A OG1 1 
ATOM   428 C CG2 . THR A 1 58 ? -6.417  -8.711  -1.342  1.00 20.84 ? 58  THR A CG2 1 
ATOM   429 N N   . GLY A 1 59 ? -6.633  -6.667  2.710   1.00 17.53 ? 59  GLY A N   1 
ATOM   430 C CA  . GLY A 1 59 ? -6.330  -6.509  4.118   1.00 19.68 ? 59  GLY A CA  1 
ATOM   431 C C   . GLY A 1 59 ? -4.951  -7.068  4.422   1.00 20.59 ? 59  GLY A C   1 
ATOM   432 O O   . GLY A 1 59 ? -4.448  -6.929  5.538   1.00 21.90 ? 59  GLY A O   1 
ATOM   433 N N   . GLN A 1 60 ? -4.327  -7.688  3.422   1.00 21.22 ? 60  GLN A N   1 
ATOM   434 C CA  . GLN A 1 60 ? -3.003  -8.282  3.596   1.00 22.57 ? 60  GLN A CA  1 
ATOM   435 C C   . GLN A 1 60 ? -1.953  -7.775  2.609   1.00 21.87 ? 60  GLN A C   1 
ATOM   436 O O   . GLN A 1 60 ? -0.839  -8.291  2.570   1.00 21.51 ? 60  GLN A O   1 
ATOM   437 C CB  . GLN A 1 60 ? -3.097  -9.803  3.483   1.00 25.47 ? 60  GLN A CB  1 
ATOM   438 C CG  . GLN A 1 60 ? -4.064  -10.435 4.463   1.00 30.97 ? 60  GLN A CG  1 
ATOM   439 C CD  . GLN A 1 60 ? -4.247  -11.920 4.221   1.00 33.57 ? 60  GLN A CD  1 
ATOM   440 O OE1 . GLN A 1 60 ? -3.285  -12.688 4.241   1.00 36.86 ? 60  GLN A OE1 1 
ATOM   441 N NE2 . GLN A 1 60 ? -5.489  -12.333 3.990   1.00 35.89 ? 60  GLN A NE2 1 
ATOM   442 N N   . SER A 1 61 ? -2.304  -6.775  1.809   1.00 19.44 ? 61  SER A N   1 
ATOM   443 C CA  . SER A 1 61 ? -1.357  -6.223  0.846   1.00 18.19 ? 61  SER A CA  1 
ATOM   444 C C   . SER A 1 61 ? -1.639  -4.748  0.606   1.00 17.05 ? 61  SER A C   1 
ATOM   445 O O   . SER A 1 61 ? -2.713  -4.254  0.950   1.00 16.72 ? 61  SER A O   1 
ATOM   446 C CB  . SER A 1 61 ? -1.434  -6.985  -0.478  1.00 20.54 ? 61  SER A CB  1 
ATOM   447 O OG  . SER A 1 61 ? -2.724  -6.886  -1.051  1.00 24.42 ? 61  SER A OG  1 
ATOM   448 N N   . ALA A 1 62 ? -0.668  -4.051  0.020   1.00 14.82 ? 62  ALA A N   1 
ATOM   449 C CA  . ALA A 1 62 ? -0.804  -2.623  -0.263  1.00 14.95 ? 62  ALA A CA  1 
ATOM   450 C C   . ALA A 1 62 ? -1.273  -2.362  -1.688  1.00 16.80 ? 62  ALA A C   1 
ATOM   451 O O   . ALA A 1 62 ? -1.627  -1.239  -2.041  1.00 16.23 ? 62  ALA A O   1 
ATOM   452 C CB  . ALA A 1 62 ? 0.520   -1.916  -0.011  1.00 15.07 ? 62  ALA A CB  1 
ATOM   453 N N   . ASP A 1 63 ? -1.269  -3.402  -2.514  1.00 16.93 ? 63  ASP A N   1 
ATOM   454 C CA  . ASP A 1 63 ? -1.713  -3.254  -3.891  1.00 18.12 ? 63  ASP A CA  1 
ATOM   455 C C   . ASP A 1 63 ? -3.218  -3.479  -3.941  1.00 17.09 ? 63  ASP A C   1 
ATOM   456 O O   . ASP A 1 63 ? -3.802  -4.033  -3.013  1.00 18.88 ? 63  ASP A O   1 
ATOM   457 C CB  . ASP A 1 63 ? -1.006  -4.276  -4.780  1.00 23.51 ? 63  ASP A CB  1 
ATOM   458 C CG  . ASP A 1 63 ? -1.363  -5.703  -4.419  1.00 27.16 ? 63  ASP A CG  1 
ATOM   459 O OD1 . ASP A 1 63 ? -2.441  -6.174  -4.840  1.00 31.94 ? 63  ASP A OD1 1 
ATOM   460 O OD2 . ASP A 1 63 ? -0.570  -6.350  -3.705  1.00 32.37 ? 63  ASP A OD2 1 
ATOM   461 N N   . CYS A 1 64 ? -3.843  -3.032  -5.022  1.00 15.77 ? 64  CYS A N   1 
ATOM   462 C CA  . CYS A 1 64 ? -5.276  -3.211  -5.202  1.00 16.39 ? 64  CYS A CA  1 
ATOM   463 C C   . CYS A 1 64 ? -5.438  -4.296  -6.256  1.00 17.61 ? 64  CYS A C   1 
ATOM   464 O O   . CYS A 1 64 ? -5.214  -4.051  -7.438  1.00 18.45 ? 64  CYS A O   1 
ATOM   465 C CB  . CYS A 1 64 ? -5.909  -1.912  -5.688  1.00 15.66 ? 64  CYS A CB  1 
ATOM   466 S SG  . CYS A 1 64 ? -7.716  -1.953  -5.908  1.00 15.80 ? 64  CYS A SG  1 
ATOM   467 N N   . PRO A 1 65 ? -5.831  -5.509  -5.838  1.00 19.69 ? 65  PRO A N   1 
ATOM   468 C CA  . PRO A 1 65 ? -6.015  -6.648  -6.743  1.00 21.18 ? 65  PRO A CA  1 
ATOM   469 C C   . PRO A 1 65 ? -7.122  -6.501  -7.780  1.00 23.35 ? 65  PRO A C   1 
ATOM   470 O O   . PRO A 1 65 ? -8.104  -5.791  -7.569  1.00 21.41 ? 65  PRO A O   1 
ATOM   471 C CB  . PRO A 1 65 ? -6.278  -7.802  -5.783  1.00 20.66 ? 65  PRO A CB  1 
ATOM   472 C CG  . PRO A 1 65 ? -7.035  -7.140  -4.685  1.00 22.92 ? 65  PRO A CG  1 
ATOM   473 C CD  . PRO A 1 65 ? -6.231  -5.868  -4.466  1.00 19.90 ? 65  PRO A CD  1 
ATOM   474 N N   . ARG A 1 66 ? -6.945  -7.189  -8.903  1.00 27.69 ? 66  ARG A N   1 
ATOM   475 C CA  . ARG A 1 66 ? -7.914  -7.174  -9.991  1.00 32.28 ? 66  ARG A CA  1 
ATOM   476 C C   . ARG A 1 66 ? -8.929  -8.286  -9.740  1.00 34.00 ? 66  ARG A C   1 
ATOM   477 O O   . ARG A 1 66 ? -8.554  -9.450  -9.591  1.00 34.50 ? 66  ARG A O   1 
ATOM   478 C CB  . ARG A 1 66 ? -7.207  -7.421  -11.325 1.00 33.84 ? 66  ARG A CB  1 
ATOM   479 C CG  . ARG A 1 66 ? -6.125  -6.407  -11.665 1.00 36.12 ? 66  ARG A CG  1 
ATOM   480 C CD  . ARG A 1 66 ? -6.716  -5.096  -12.156 1.00 37.67 ? 66  ARG A CD  1 
ATOM   481 N NE  . ARG A 1 66 ? -5.675  -4.123  -12.479 1.00 39.52 ? 66  ARG A NE  1 
ATOM   482 C CZ  . ARG A 1 66 ? -5.905  -2.928  -13.014 1.00 39.86 ? 66  ARG A CZ  1 
ATOM   483 N NH1 . ARG A 1 66 ? -7.145  -2.550  -13.295 1.00 40.35 ? 66  ARG A NH1 1 
ATOM   484 N NH2 . ARG A 1 66 ? -4.895  -2.106  -13.264 1.00 40.25 ? 66  ARG A NH2 1 
ATOM   485 N N   . TRP A 1 67 ? -10.209 -7.930  -9.687  1.00 36.52 ? 67  TRP A N   1 
ATOM   486 C CA  . TRP A 1 67 ? -11.262 -8.915  -9.454  1.00 38.51 ? 67  TRP A CA  1 
ATOM   487 C C   . TRP A 1 67 ? -11.131 -10.078 -10.434 1.00 40.16 ? 67  TRP A C   1 
ATOM   488 O O   . TRP A 1 67 ? -10.877 -9.874  -11.621 1.00 40.19 ? 67  TRP A O   1 
ATOM   489 C CB  . TRP A 1 67 ? -12.642 -8.274  -9.616  1.00 38.57 ? 67  TRP A CB  1 
ATOM   490 C CG  . TRP A 1 67 ? -13.767 -9.227  -9.343  1.00 39.08 ? 67  TRP A CG  1 
ATOM   491 C CD1 . TRP A 1 67 ? -14.200 -9.658  -8.121  1.00 39.72 ? 67  TRP A CD1 1 
ATOM   492 C CD2 . TRP A 1 67 ? -14.569 -9.909  -10.316 1.00 39.64 ? 67  TRP A CD2 1 
ATOM   493 N NE1 . TRP A 1 67 ? -15.222 -10.566 -8.272  1.00 39.86 ? 67  TRP A NE1 1 
ATOM   494 C CE2 . TRP A 1 67 ? -15.470 -10.738 -9.608  1.00 40.30 ? 67  TRP A CE2 1 
ATOM   495 C CE3 . TRP A 1 67 ? -14.617 -9.901  -11.716 1.00 39.93 ? 67  TRP A CE3 1 
ATOM   496 C CZ2 . TRP A 1 67 ? -16.404 -11.554 -10.256 1.00 40.42 ? 67  TRP A CZ2 1 
ATOM   497 C CZ3 . TRP A 1 67 ? -15.547 -10.711 -12.361 1.00 40.30 ? 67  TRP A CZ3 1 
ATOM   498 C CH2 . TRP A 1 67 ? -16.430 -11.526 -11.628 1.00 41.03 ? 67  TRP A CH2 1 
ATOM   499 N N   . ASN A 1 68 ? -11.309 -11.296 -9.933  1.00 42.54 ? 68  ASN A N   1 
ATOM   500 C CA  . ASN A 1 68 ? -11.206 -12.484 -10.771 1.00 44.92 ? 68  ASN A CA  1 
ATOM   501 C C   . ASN A 1 68 ? -12.440 -13.371 -10.622 1.00 45.73 ? 68  ASN A C   1 
ATOM   502 O O   . ASN A 1 68 ? -13.311 -13.034 -9.792  1.00 46.16 ? 68  ASN A O   1 
ATOM   503 C CB  . ASN A 1 68 ? -9.948  -13.275 -10.404 1.00 46.79 ? 68  ASN A CB  1 
ATOM   504 C CG  . ASN A 1 68 ? -9.737  -14.483 -11.294 1.00 48.52 ? 68  ASN A CG  1 
ATOM   505 O OD1 . ASN A 1 68 ? -9.645  -14.359 -12.516 1.00 49.65 ? 68  ASN A OD1 1 
ATOM   506 N ND2 . ASN A 1 68 ? -9.656  -15.661 -10.685 1.00 49.39 ? 68  ASN A ND2 1 
HETATM 507 S S   . SO4 B 2 .  ? 6.778   8.613   -1.329  1.00 41.68 ? 701 SO4 A S   1 
HETATM 508 O O1  . SO4 B 2 .  ? 7.734   8.017   -0.379  1.00 39.11 ? 701 SO4 A O1  1 
HETATM 509 O O2  . SO4 B 2 .  ? 7.466   8.911   -2.599  1.00 40.72 ? 701 SO4 A O2  1 
HETATM 510 O O3  . SO4 B 2 .  ? 5.672   7.669   -1.588  1.00 41.12 ? 701 SO4 A O3  1 
HETATM 511 O O4  . SO4 B 2 .  ? 6.238   9.865   -0.757  1.00 41.25 ? 701 SO4 A O4  1 
HETATM 512 O O   . HOH C 3 .  ? -5.142  -4.264  2.234   1.00 14.56 ? 702 HOH A O   1 
HETATM 513 O O   . HOH C 3 .  ? 23.693  -2.539  -4.328  1.00 16.50 ? 703 HOH A O   1 
HETATM 514 O O   . HOH C 3 .  ? -18.692 1.850   -8.847  1.00 14.57 ? 704 HOH A O   1 
HETATM 515 O O   . HOH C 3 .  ? -16.948 -5.053  -5.714  1.00 14.33 ? 705 HOH A O   1 
HETATM 516 O O   . HOH C 3 .  ? -2.575  -1.717  -7.209  1.00 16.72 ? 706 HOH A O   1 
HETATM 517 O O   . HOH C 3 .  ? -4.986  -5.403  -1.013  1.00 14.78 ? 707 HOH A O   1 
HETATM 518 O O   . HOH C 3 .  ? -7.559  3.191   -2.547  1.00 15.64 ? 708 HOH A O   1 
HETATM 519 O O   . HOH C 3 .  ? 1.366   5.500   4.254   1.00 19.51 ? 709 HOH A O   1 
HETATM 520 O O   . HOH C 3 .  ? -1.349  0.351   -5.730  1.00 22.10 ? 710 HOH A O   1 
HETATM 521 O O   . HOH C 3 .  ? -15.792 3.404   -14.209 1.00 19.24 ? 711 HOH A O   1 
HETATM 522 O O   . HOH C 3 .  ? -10.184 3.680   -9.681  1.00 21.32 ? 712 HOH A O   1 
HETATM 523 O O   . HOH C 3 .  ? 5.015   -0.278  0.276   1.00 21.86 ? 713 HOH A O   1 
HETATM 524 O O   . HOH C 3 .  ? 21.776  -2.805  -0.026  1.00 21.16 ? 714 HOH A O   1 
HETATM 525 O O   . HOH C 3 .  ? -13.020 3.715   -13.575 1.00 21.71 ? 715 HOH A O   1 
HETATM 526 O O   . HOH C 3 .  ? -7.921  4.028   -7.575  1.00 19.54 ? 716 HOH A O   1 
HETATM 527 O O   . HOH C 3 .  ? 3.267   7.462   4.172   1.00 23.03 ? 717 HOH A O   1 
HETATM 528 O O   . HOH C 3 .  ? -0.623  4.811   -0.104  1.00 17.93 ? 718 HOH A O   1 
HETATM 529 O O   . HOH C 3 .  ? -8.657  0.689   6.273   1.00 20.80 ? 719 HOH A O   1 
HETATM 530 O O   . HOH C 3 .  ? 18.216  -5.220  -2.988  1.00 20.96 ? 720 HOH A O   1 
HETATM 531 O O   . HOH C 3 .  ? -1.157  7.030   3.841   1.00 22.01 ? 721 HOH A O   1 
HETATM 532 O O   . HOH C 3 .  ? 19.849  -3.135  -2.078  1.00 21.19 ? 722 HOH A O   1 
HETATM 533 O O   . HOH C 3 .  ? 1.907   -5.263  -0.155  1.00 22.20 ? 723 HOH A O   1 
HETATM 534 O O   . HOH C 3 .  ? -11.261 1.148   5.007   1.00 25.77 ? 724 HOH A O   1 
HETATM 535 O O   . HOH C 3 .  ? 3.299   6.942   -0.083  1.00 26.68 ? 725 HOH A O   1 
HETATM 536 O O   . HOH C 3 .  ? -11.254 -2.014  -14.780 1.00 26.22 ? 726 HOH A O   1 
HETATM 537 O O   . HOH C 3 .  ? 15.151  -7.629  -3.183  1.00 25.22 ? 727 HOH A O   1 
HETATM 538 O O   . HOH C 3 .  ? -6.017  3.989   -9.434  1.00 23.39 ? 728 HOH A O   1 
HETATM 539 O O   . HOH C 3 .  ? -3.156  -10.049 -0.265  1.00 25.38 ? 729 HOH A O   1 
HETATM 540 O O   . HOH C 3 .  ? -12.826 -5.628  -11.680 1.00 23.50 ? 730 HOH A O   1 
HETATM 541 O O   . HOH C 3 .  ? -8.832  -6.443  7.126   1.00 22.04 ? 731 HOH A O   1 
HETATM 542 O O   . HOH C 3 .  ? 4.988   -5.655  4.838   1.00 23.53 ? 732 HOH A O   1 
HETATM 543 O O   . HOH C 3 .  ? -4.264  9.402   12.326  1.00 30.46 ? 733 HOH A O   1 
HETATM 544 O O   . HOH C 3 .  ? 25.820  -0.215  -1.772  1.00 31.04 ? 734 HOH A O   1 
HETATM 545 O O   . HOH C 3 .  ? -3.248  -3.380  8.396   1.00 22.86 ? 735 HOH A O   1 
HETATM 546 O O   . HOH C 3 .  ? -10.318 0.672   -13.671 1.00 31.29 ? 736 HOH A O   1 
HETATM 547 O O   . HOH C 3 .  ? 1.976   -7.546  8.766   1.00 28.98 ? 737 HOH A O   1 
HETATM 548 O O   . HOH C 3 .  ? 10.192  7.219   10.335  1.00 29.25 ? 738 HOH A O   1 
HETATM 549 O O   . HOH C 3 .  ? -9.052  3.494   -12.120 1.00 28.36 ? 739 HOH A O   1 
HETATM 550 O O   . HOH C 3 .  ? -10.490 -6.943  -6.177  1.00 23.00 ? 740 HOH A O   1 
HETATM 551 O O   . HOH C 3 .  ? 8.293   -3.014  9.003   1.00 28.58 ? 741 HOH A O   1 
HETATM 552 O O   . HOH C 3 .  ? 11.278  7.817   4.217   1.00 27.95 ? 742 HOH A O   1 
HETATM 553 O O   . HOH C 3 .  ? -19.534 -3.501  -19.245 1.00 27.16 ? 743 HOH A O   1 
HETATM 554 O O   . HOH C 3 .  ? -5.596  1.937   -11.078 1.00 34.23 ? 744 HOH A O   1 
HETATM 555 O O   . HOH C 3 .  ? -6.773  2.520   6.796   1.00 29.97 ? 745 HOH A O   1 
HETATM 556 O O   . HOH C 3 .  ? 7.097   5.398   -1.376  1.00 35.04 ? 746 HOH A O   1 
HETATM 557 O O   . HOH C 3 .  ? 13.639  6.711   3.590   1.00 25.07 ? 747 HOH A O   1 
HETATM 558 O O   . HOH C 3 .  ? 18.543  -2.169  0.233   1.00 30.15 ? 748 HOH A O   1 
HETATM 559 O O   . HOH C 3 .  ? 0.843   3.495   11.706  1.00 41.24 ? 749 HOH A O   1 
HETATM 560 O O   . HOH C 3 .  ? 2.974   8.943   1.788   1.00 28.57 ? 750 HOH A O   1 
HETATM 561 O O   . HOH C 3 .  ? -4.921  7.432   -7.056  1.00 31.24 ? 751 HOH A O   1 
HETATM 562 O O   . HOH C 3 .  ? 0.738   6.869   -1.000  1.00 25.64 ? 752 HOH A O   1 
HETATM 563 O O   . HOH C 3 .  ? 13.491  7.684   10.919  1.00 38.10 ? 753 HOH A O   1 
HETATM 564 O O   . HOH C 3 .  ? 3.550   11.852  4.996   1.00 28.64 ? 754 HOH A O   1 
HETATM 565 O O   . HOH C 3 .  ? 11.894  -2.597  -3.629  1.00 33.68 ? 755 HOH A O   1 
HETATM 566 O O   . HOH C 3 .  ? 0.747   5.225   -3.417  1.00 28.78 ? 756 HOH A O   1 
HETATM 567 O O   . HOH C 3 .  ? -17.558 -7.140  -0.964  1.00 46.87 ? 757 HOH A O   1 
HETATM 568 O O   . HOH C 3 .  ? 8.549   7.327   12.469  1.00 30.71 ? 758 HOH A O   1 
HETATM 569 O O   . HOH C 3 .  ? 14.402  -0.317  8.190   1.00 30.90 ? 759 HOH A O   1 
HETATM 570 O O   . HOH C 3 .  ? -7.874  -11.537 2.445   1.00 37.20 ? 760 HOH A O   1 
HETATM 571 O O   . HOH C 3 .  ? 11.695  -3.848  4.163   1.00 27.19 ? 761 HOH A O   1 
HETATM 572 O O   . HOH C 3 .  ? -1.586  4.831   -4.685  1.00 32.92 ? 762 HOH A O   1 
HETATM 573 O O   . HOH C 3 .  ? -5.229  -0.235  8.429   1.00 38.93 ? 763 HOH A O   1 
HETATM 574 O O   . HOH C 3 .  ? -15.251 -0.450  3.082   1.00 36.86 ? 764 HOH A O   1 
HETATM 575 O O   . HOH C 3 .  ? -3.013  0.432   -9.840  1.00 31.68 ? 765 HOH A O   1 
HETATM 576 O O   . HOH C 3 .  ? 11.995  -3.258  6.737   1.00 36.44 ? 766 HOH A O   1 
HETATM 577 O O   . HOH C 3 .  ? -16.674 3.334   -17.015 1.00 37.96 ? 767 HOH A O   1 
HETATM 578 O O   . HOH C 3 .  ? -10.078 -8.307  -2.708  1.00 34.91 ? 768 HOH A O   1 
HETATM 579 O O   . HOH C 3 .  ? 24.090  -1.323  1.833   1.00 26.96 ? 769 HOH A O   1 
HETATM 580 O O   . HOH C 3 .  ? 13.447  5.074   -3.405  1.00 31.17 ? 770 HOH A O   1 
HETATM 581 O O   . HOH C 3 .  ? -3.398  6.724   -4.423  1.00 32.08 ? 771 HOH A O   1 
HETATM 582 O O   . HOH C 3 .  ? 10.147  -1.854  -1.777  1.00 31.05 ? 772 HOH A O   1 
HETATM 583 O O   . HOH C 3 .  ? -13.138 -6.777  -6.056  1.00 39.00 ? 773 HOH A O   1 
HETATM 584 O O   . HOH C 3 .  ? -13.789 -2.151  4.542   1.00 41.84 ? 774 HOH A O   1 
HETATM 585 O O   . HOH C 3 .  ? 4.012   -3.745  1.488   1.00 37.88 ? 775 HOH A O   1 
HETATM 586 O O   . HOH C 3 .  ? 2.258   -7.879  0.992   1.00 31.15 ? 776 HOH A O   1 
HETATM 587 O O   . HOH C 3 .  ? -3.899  5.424   -8.557  1.00 34.30 ? 777 HOH A O   1 
HETATM 588 O O   . HOH C 3 .  ? 4.352   12.392  7.581   1.00 38.59 ? 778 HOH A O   1 
HETATM 589 O O   . HOH C 3 .  ? -4.629  4.657   -0.126  1.00 35.50 ? 779 HOH A O   1 
HETATM 590 O O   . HOH C 3 .  ? -3.874  -7.486  -3.342  1.00 39.92 ? 780 HOH A O   1 
HETATM 591 O O   . HOH C 3 .  ? 0.926   -10.072 4.619   1.00 39.34 ? 781 HOH A O   1 
HETATM 592 O O   . HOH C 3 .  ? -11.674 -8.024  -0.460  1.00 36.54 ? 782 HOH A O   1 
HETATM 593 O O   . HOH C 3 .  ? 7.093   12.596  8.133   1.00 41.41 ? 783 HOH A O   1 
HETATM 594 O O   . HOH C 3 .  ? -5.552  -5.624  7.640   1.00 37.61 ? 784 HOH A O   1 
HETATM 595 O O   . HOH C 3 .  ? 2.753   -5.085  11.751  1.00 41.45 ? 785 HOH A O   1 
HETATM 596 O O   . HOH C 3 .  ? -3.669  -1.728  10.775  1.00 37.31 ? 786 HOH A O   1 
HETATM 597 O O   . HOH C 3 .  ? -1.917  10.689  6.650   0.50 26.21 ? 787 HOH A O   1 
HETATM 598 O O   . HOH C 3 .  ? 5.165   10.571  2.451   1.00 33.59 ? 788 HOH A O   1 
HETATM 599 O O   . HOH C 3 .  ? 1.948   8.849   5.841   1.00 39.42 ? 789 HOH A O   1 
HETATM 600 O O   . HOH C 3 .  ? 1.045   -0.734  -5.129  1.00 39.23 ? 790 HOH A O   1 
HETATM 601 O O   . HOH C 3 .  ? 13.540  3.109   13.515  1.00 45.27 ? 791 HOH A O   1 
HETATM 602 O O   . HOH C 3 .  ? 0.261   -5.514  13.367  1.00 42.25 ? 792 HOH A O   1 
HETATM 603 O O   . HOH C 3 .  ? -2.649  -5.281  -8.360  1.00 34.60 ? 793 HOH A O   1 
HETATM 604 O O   . HOH C 3 .  ? 5.026   -6.116  7.894   1.00 35.98 ? 794 HOH A O   1 
HETATM 605 O O   . HOH C 3 .  ? 2.079   -0.556  13.530  1.00 47.61 ? 795 HOH A O   1 
HETATM 606 O O   . HOH C 3 .  ? -3.027  -3.713  -11.809 1.00 39.37 ? 796 HOH A O   1 
HETATM 607 O O   . HOH C 3 .  ? 4.316   -7.579  2.839   1.00 48.85 ? 797 HOH A O   1 
HETATM 608 O O   . HOH C 3 .  ? -9.657  -4.128  -12.363 1.00 42.85 ? 798 HOH A O   1 
HETATM 609 O O   . HOH C 3 .  ? -4.256  -7.683  -9.561  1.00 34.95 ? 799 HOH A O   1 
HETATM 610 O O   . HOH C 3 .  ? 7.844   -5.410  6.036   1.00 45.26 ? 800 HOH A O   1 
HETATM 611 O O   . HOH C 3 .  ? 14.203  -3.003  0.808   1.00 33.64 ? 801 HOH A O   1 
HETATM 612 O O   . HOH C 3 .  ? -7.251  0.988   -19.673 1.00 36.60 ? 802 HOH A O   1 
HETATM 613 O O   . HOH C 3 .  ? 12.510  6.571   -5.614  1.00 31.22 ? 803 HOH A O   1 
HETATM 614 O O   . HOH C 3 .  ? -5.425  2.645   -13.596 1.00 47.61 ? 804 HOH A O   1 
HETATM 615 O O   . HOH C 3 .  ? -6.785  0.347   -14.408 1.00 39.63 ? 805 HOH A O   1 
HETATM 616 O O   . HOH C 3 .  ? -2.779  -6.374  9.510   1.00 36.53 ? 806 HOH A O   1 
HETATM 617 O O   . HOH C 3 .  ? -13.978 -8.746  -1.362  1.00 43.52 ? 807 HOH A O   1 
HETATM 618 O O   . HOH C 3 .  ? -1.276  2.109   -7.804  1.00 44.26 ? 808 HOH A O   1 
HETATM 619 O O   . HOH C 3 .  ? 14.187  0.220   10.759  1.00 37.28 ? 809 HOH A O   1 
HETATM 620 O O   . HOH C 3 .  ? 7.563   0.143   -0.579  1.00 38.36 ? 810 HOH A O   1 
HETATM 621 O O   . HOH C 3 .  ? 7.472   -4.355  11.728  1.00 41.88 ? 811 HOH A O   1 
HETATM 622 O O   . HOH C 3 .  ? 14.726  -3.642  7.028   1.00 42.71 ? 812 HOH A O   1 
HETATM 623 O O   . HOH C 3 .  ? -18.060 -5.195  3.254   1.00 38.53 ? 813 HOH A O   1 
HETATM 624 O O   . HOH C 3 .  ? -15.609 1.568   4.727   1.00 42.22 ? 814 HOH A O   1 
HETATM 625 O O   . HOH C 3 .  ? 11.840  5.691   12.111  1.00 46.00 ? 815 HOH A O   1 
HETATM 626 O O   . HOH C 3 .  ? 18.124  2.272   11.942  1.00 34.43 ? 816 HOH A O   1 
HETATM 627 O O   . HOH C 3 .  ? 11.664  9.333   -5.752  1.00 35.20 ? 817 HOH A O   1 
HETATM 628 O O   . HOH C 3 .  ? -3.308  -8.339  7.822   1.00 46.40 ? 818 HOH A O   1 
HETATM 629 O O   . HOH C 3 .  ? -4.394  2.695   8.547   1.00 35.54 ? 819 HOH A O   1 
HETATM 630 O O   . HOH C 3 .  ? 2.744   -0.954  -2.671  1.00 35.81 ? 820 HOH A O   1 
HETATM 631 O O   . HOH C 3 .  ? -2.995  7.792   2.071   1.00 34.50 ? 821 HOH A O   1 
HETATM 632 O O   . HOH C 3 .  ? 16.396  6.068   12.463  1.00 37.77 ? 822 HOH A O   1 
HETATM 633 O O   . HOH C 3 .  ? -18.662 -10.025 -13.272 1.00 41.19 ? 823 HOH A O   1 
HETATM 634 O O   . HOH C 3 .  ? -1.607  9.400   9.081   1.00 43.83 ? 824 HOH A O   1 
HETATM 635 O O   . HOH C 3 .  ? 14.247  0.946   14.870  1.00 42.69 ? 825 HOH A O   1 
HETATM 636 O O   . HOH C 3 .  ? 19.513  0.201   4.148   1.00 46.53 ? 826 HOH A O   1 
HETATM 637 O O   . HOH C 3 .  ? 0.854   5.658   10.613  1.00 44.28 ? 827 HOH A O   1 
HETATM 638 O O   . HOH C 3 .  ? -3.915  -9.666  -7.814  1.00 39.35 ? 828 HOH A O   1 
HETATM 639 O O   . HOH C 3 .  ? -16.177 -8.294  -2.692  1.00 56.86 ? 829 HOH A O   1 
HETATM 640 O O   . HOH C 3 .  ? 4.999   -4.222  10.398  1.00 47.55 ? 830 HOH A O   1 
HETATM 641 O O   . HOH C 3 .  ? -2.994  -9.913  -3.350  1.00 37.72 ? 831 HOH A O   1 
HETATM 642 O O   . HOH C 3 .  ? 19.801  6.155   1.289   1.00 41.11 ? 832 HOH A O   1 
HETATM 643 O O   . HOH C 3 .  ? 14.632  7.784   0.268   1.00 44.20 ? 833 HOH A O   1 
HETATM 644 O O   . HOH C 3 .  ? 18.360  -2.501  6.911   1.00 41.95 ? 834 HOH A O   1 
HETATM 645 O O   . HOH C 3 .  ? 21.151  4.934   3.308   1.00 43.58 ? 835 HOH A O   1 
HETATM 646 O O   . HOH C 3 .  ? 10.126  -4.510  8.059   1.00 41.98 ? 836 HOH A O   1 
HETATM 647 O O   . HOH C 3 .  ? 1.777   -3.390  -4.738  1.00 50.63 ? 837 HOH A O   1 
HETATM 648 O O   . HOH C 3 .  ? 0.650   6.729   1.999   1.00 52.91 ? 838 HOH A O   1 
HETATM 649 O O   . HOH C 3 .  ? -18.906 -5.035  0.757   1.00 37.01 ? 839 HOH A O   1 
HETATM 650 O O   . HOH C 3 .  ? 2.071   9.551   8.221   1.00 45.53 ? 840 HOH A O   1 
HETATM 651 O O   . HOH C 3 .  ? 17.173  -0.225  11.742  1.00 40.88 ? 841 HOH A O   1 
HETATM 652 O O   . HOH C 3 .  ? 1.778   -5.817  -2.715  1.00 48.80 ? 842 HOH A O   1 
HETATM 653 O O   . HOH C 3 .  ? -20.671 -9.141  -15.305 1.00 45.26 ? 843 HOH A O   1 
HETATM 654 O O   . HOH C 3 .  ? 7.577   13.754  -0.352  1.00 39.37 ? 844 HOH A O   1 
HETATM 655 O O   . HOH C 3 .  ? 1.346   -9.132  -1.170  1.00 49.34 ? 845 HOH A O   1 
HETATM 656 O O   . HOH C 3 .  ? -5.077  -11.448 -6.031  1.00 42.78 ? 846 HOH A O   1 
HETATM 657 O O   . HOH C 3 .  ? 17.426  8.199   1.415   1.00 45.57 ? 847 HOH A O   1 
HETATM 658 O O   . HOH C 3 .  ? 6.649   -7.818  9.108   1.00 42.13 ? 848 HOH A O   1 
HETATM 659 O O   . HOH C 3 .  ? -7.393  -9.591  5.780   1.00 45.61 ? 849 HOH A O   1 
HETATM 660 O O   . HOH C 3 .  ? 1.784   5.510   -5.894  1.00 50.20 ? 850 HOH A O   1 
HETATM 661 O O   . HOH C 3 .  ? 11.024  -4.139  11.440  1.00 43.88 ? 851 HOH A O   1 
HETATM 662 O O   . HOH C 3 .  ? -10.556 2.969   -20.698 1.00 44.97 ? 852 HOH A O   1 
HETATM 663 O O   . HOH C 3 .  ? 9.164   -5.451  3.635   1.00 43.29 ? 853 HOH A O   1 
HETATM 664 O O   . HOH C 3 .  ? 19.640  3.057   2.283   1.00 49.45 ? 854 HOH A O   1 
# 
